data_4TPH
#
_entry.id   4TPH
#
_cell.length_a   80.650
_cell.length_b   107.680
_cell.length_c   204.210
_cell.angle_alpha   90.00
_cell.angle_beta   90.00
_cell.angle_gamma   90.00
#
_symmetry.space_group_name_H-M   'P 21 21 21'
#
loop_
_entity.id
_entity.type
_entity.pdbx_description
1 polymer 'Proton:oligopeptide symporter POT family'
2 non-polymer 'ZINC ION'
3 non-polymer DODECYL-BETA-D-MALTOSIDE
4 non-polymer ALANINE
5 non-polymer '3,5 DIBROMOTYROSINE'
#
_entity_poly.entity_id   1
_entity_poly.type   'polypeptide(L)'
_entity_poly.pdbx_seq_one_letter_code
;MTLGTNQVSKTHSFMTVSLIELWERFGYYGMQALIVYFMVQRLGFDDSRANLVWSACAALIYVSPAIGGWVGDKILGTKR
TMLLGAGILSVGYALMTVPTENTWFMFSALGVIVVGNGLFKPNAGNLVRKIYEGDDSKIDSAFTIYYMAVNVGSTFSMLL
TPWIKDYVNAQYGNEFGWHAAFAVCCVGILVGLGNYALMHKSLANYGSEPDTRPVNKKSLAIVLALAALSVVASAIILEY
EDVARVFVYAAGVAVLGIFFHLIRTSEPSERAGLIAALILTVQTVFFFIFYQQMSTSLALFALRNVDWDFQVFGTHLWTW
SPAQFQALNPIWIMVLSPVLAWSYSWAGRNNKDFSIAAKFALGFAVVAIGFFIYGFAGQFAVNGKTSSWVMIWGYASYSL
GELLVSGLGLAMIARYVPARMGGFMMGAYFVASGISQYLGGVVANFASVPQDLVDPLQTLPVYTNLFNKLGVAAVVCTII
ALAVLPLMRRLTESHHAHSSIENNAAASLRDVKAEQAENLYFQ
;
_entity_poly.pdbx_strand_id   A,B
#
loop_
_chem_comp.id
_chem_comp.type
_chem_comp.name
_chem_comp.formula
LMT D-saccharide DODECYL-BETA-D-MALTOSIDE 'C24 H46 O11'
ZN non-polymer 'ZINC ION' 'Zn 2'
#
# COMPACT_ATOMS: atom_id res chain seq x y z
N VAL A 8 44.02 -8.99 22.54
CA VAL A 8 43.41 -10.11 23.26
C VAL A 8 42.67 -11.07 22.31
N SER A 9 41.61 -10.57 21.69
CA SER A 9 40.93 -11.22 20.56
C SER A 9 40.18 -10.12 19.82
N LYS A 10 39.69 -10.42 18.62
CA LYS A 10 38.94 -9.41 17.92
C LYS A 10 37.54 -9.45 18.46
N THR A 11 37.12 -10.60 18.96
CA THR A 11 35.80 -10.60 19.55
C THR A 11 35.80 -9.75 20.83
N HIS A 12 36.91 -9.65 21.58
CA HIS A 12 36.74 -8.81 22.79
C HIS A 12 36.79 -7.36 22.38
N SER A 13 37.47 -7.01 21.30
CA SER A 13 37.51 -5.59 21.01
C SER A 13 36.27 -5.12 20.29
N PHE A 14 35.64 -6.01 19.53
CA PHE A 14 34.26 -5.79 19.14
C PHE A 14 33.36 -5.72 20.37
N MET A 15 33.72 -6.48 21.38
CA MET A 15 32.96 -6.45 22.62
C MET A 15 33.07 -5.07 23.28
N THR A 16 34.28 -4.56 23.50
CA THR A 16 34.38 -3.27 24.17
C THR A 16 33.76 -2.14 23.36
N VAL A 17 33.98 -2.13 22.05
CA VAL A 17 33.42 -1.03 21.27
C VAL A 17 31.89 -1.13 21.29
N SER A 18 31.34 -2.36 21.31
CA SER A 18 29.89 -2.54 21.41
C SER A 18 29.33 -2.19 22.80
N LEU A 19 30.15 -2.34 23.84
CA LEU A 19 29.72 -2.07 25.20
C LEU A 19 29.62 -0.56 25.46
N ILE A 20 30.72 0.12 25.12
CA ILE A 20 30.81 1.58 25.23
C ILE A 20 29.77 2.24 24.29
N GLU A 21 29.56 1.59 23.14
CA GLU A 21 28.45 1.93 22.25
C GLU A 21 27.07 1.86 22.95
N LEU A 22 26.76 0.67 23.45
CA LEU A 22 25.48 0.38 24.12
C LEU A 22 25.16 1.43 25.17
N TRP A 23 26.16 1.79 25.97
CA TRP A 23 25.91 2.77 27.02
C TRP A 23 25.79 4.21 26.51
N GLU A 24 26.57 4.56 25.49
CA GLU A 24 26.38 5.87 24.87
C GLU A 24 24.92 6.03 24.40
N ARG A 25 24.47 5.04 23.63
CA ARG A 25 23.13 5.03 23.08
C ARG A 25 22.05 4.98 24.17
N PHE A 26 22.40 4.37 25.30
CA PHE A 26 21.55 4.39 26.49
C PHE A 26 21.24 5.84 26.86
N GLY A 27 22.31 6.57 27.19
CA GLY A 27 22.15 7.97 27.54
C GLY A 27 21.36 8.74 26.49
N TYR A 28 21.74 8.53 25.22
CA TYR A 28 21.09 9.27 24.15
C TYR A 28 19.58 9.08 24.09
N TYR A 29 19.12 7.83 23.93
CA TYR A 29 17.70 7.65 23.70
C TYR A 29 16.82 7.94 24.93
N GLY A 30 17.35 7.67 26.13
CA GLY A 30 16.63 8.13 27.31
C GLY A 30 16.34 9.63 27.17
N MET A 31 17.41 10.33 26.79
CA MET A 31 17.29 11.76 26.54
C MET A 31 16.25 12.09 25.42
N GLN A 32 16.30 11.41 24.28
CA GLN A 32 15.44 11.79 23.18
C GLN A 32 13.94 11.73 23.53
N ALA A 33 13.53 10.58 24.08
CA ALA A 33 12.08 10.43 24.38
C ALA A 33 11.65 11.61 25.30
N LEU A 34 12.53 11.77 26.29
CA LEU A 34 12.15 12.73 27.27
C LEU A 34 12.20 14.15 26.68
N ILE A 35 13.02 14.39 25.63
CA ILE A 35 13.28 15.77 25.12
C ILE A 35 12.06 16.39 24.52
N VAL A 36 11.33 15.66 23.69
CA VAL A 36 10.14 16.43 23.26
C VAL A 36 9.15 16.59 24.43
N TYR A 37 8.92 15.53 25.22
CA TYR A 37 7.94 15.77 26.31
C TYR A 37 8.36 16.90 27.26
N PHE A 38 9.64 17.18 27.32
CA PHE A 38 10.20 18.25 28.16
C PHE A 38 9.92 19.59 27.57
N MET A 39 10.25 19.75 26.27
CA MET A 39 10.03 21.04 25.65
C MET A 39 8.57 21.42 25.79
N VAL A 40 7.68 20.42 25.76
CA VAL A 40 6.24 20.71 25.87
C VAL A 40 5.65 20.83 27.31
N GLN A 41 6.04 19.93 28.23
CA GLN A 41 5.44 19.89 29.56
C GLN A 41 6.15 20.73 30.68
N ARG A 42 7.48 20.78 30.66
CA ARG A 42 8.22 21.46 31.73
C ARG A 42 8.75 22.84 31.29
N LEU A 43 9.28 22.90 30.07
CA LEU A 43 9.45 24.14 29.33
C LEU A 43 8.06 24.47 28.82
N GLY A 44 7.78 25.70 28.41
CA GLY A 44 6.41 25.98 27.99
C GLY A 44 6.01 25.82 26.52
N PHE A 45 6.95 25.33 25.71
CA PHE A 45 6.82 25.34 24.26
C PHE A 45 5.52 24.70 23.77
N ASP A 46 4.86 25.35 22.80
CA ASP A 46 3.80 24.70 22.04
C ASP A 46 4.42 23.61 21.15
N ASP A 47 3.59 22.70 20.63
CA ASP A 47 4.18 21.54 19.97
C ASP A 47 4.73 21.83 18.57
N SER A 48 4.38 22.95 17.94
CA SER A 48 4.92 23.11 16.60
C SER A 48 6.35 23.69 16.69
N ARG A 49 6.62 24.42 17.77
CA ARG A 49 8.01 24.71 18.11
C ARG A 49 8.75 23.47 18.62
N ALA A 50 8.14 22.70 19.53
CA ALA A 50 8.78 21.48 20.02
C ALA A 50 9.20 20.55 18.87
N ASN A 51 8.27 20.32 17.95
CA ASN A 51 8.55 19.60 16.70
C ASN A 51 9.70 20.20 15.89
N LEU A 52 9.60 21.49 15.62
CA LEU A 52 10.63 22.07 14.76
C LEU A 52 12.03 22.04 15.39
N VAL A 53 12.09 22.38 16.67
CA VAL A 53 13.33 22.49 17.41
C VAL A 53 13.98 21.11 17.62
N TRP A 54 13.17 20.14 18.06
CA TRP A 54 13.71 18.80 18.15
C TRP A 54 14.15 18.27 16.78
N SER A 55 13.40 18.56 15.71
CA SER A 55 13.73 18.03 14.37
C SER A 55 14.97 18.69 13.76
N ALA A 56 15.14 19.97 14.09
CA ALA A 56 16.31 20.70 13.64
C ALA A 56 17.50 20.09 14.36
N CYS A 57 17.38 19.92 15.67
CA CYS A 57 18.44 19.22 16.40
C CYS A 57 18.70 17.83 15.84
N ALA A 58 17.65 17.18 15.37
CA ALA A 58 17.77 15.84 14.83
C ALA A 58 18.65 15.85 13.58
N ALA A 59 18.26 16.67 12.60
CA ALA A 59 19.04 16.79 11.36
C ALA A 59 20.49 17.12 11.65
N LEU A 60 20.71 18.06 12.59
CA LEU A 60 22.09 18.42 12.99
C LEU A 60 22.86 17.20 13.46
N ILE A 61 22.20 16.43 14.34
CA ILE A 61 22.77 15.22 14.94
C ILE A 61 23.14 14.20 13.86
N TYR A 62 22.27 14.05 12.89
CA TYR A 62 22.45 13.00 11.91
C TYR A 62 23.55 13.36 10.94
N VAL A 63 23.74 14.67 10.66
CA VAL A 63 24.80 15.05 9.71
C VAL A 63 26.13 15.47 10.37
N SER A 64 26.14 15.49 11.70
CA SER A 64 27.35 15.71 12.51
C SER A 64 28.50 14.68 12.33
N PRO A 65 28.15 13.38 12.22
CA PRO A 65 29.20 12.37 12.17
C PRO A 65 30.07 12.48 10.91
N ALA A 66 29.70 13.35 9.98
CA ALA A 66 30.53 13.64 8.81
C ALA A 66 31.89 14.19 9.24
N ILE A 67 31.81 15.35 9.88
CA ILE A 67 33.00 16.03 10.33
C ILE A 67 33.65 15.13 11.37
N GLY A 68 32.85 14.59 12.29
CA GLY A 68 33.47 13.82 13.37
C GLY A 68 34.22 12.58 12.90
N GLY A 69 33.67 11.90 11.91
CA GLY A 69 34.32 10.72 11.35
C GLY A 69 35.64 11.10 10.73
N TRP A 70 35.65 12.19 9.96
CA TRP A 70 36.92 12.62 9.34
C TRP A 70 37.96 13.15 10.33
N VAL A 71 37.50 13.80 11.40
CA VAL A 71 38.39 14.31 12.44
C VAL A 71 39.11 13.15 13.09
N GLY A 72 38.37 12.06 13.28
CA GLY A 72 38.95 10.90 13.90
C GLY A 72 39.93 10.22 12.95
N ASP A 73 39.52 10.09 11.68
CA ASP A 73 40.34 9.38 10.71
C ASP A 73 41.63 10.15 10.43
N LYS A 74 41.53 11.45 10.21
CA LYS A 74 42.64 12.21 9.66
C LYS A 74 43.26 13.34 10.50
N ILE A 75 42.76 13.61 11.71
CA ILE A 75 43.37 14.70 12.48
C ILE A 75 43.76 14.27 13.91
N LEU A 76 42.80 13.96 14.78
CA LEU A 76 43.09 13.32 16.06
C LEU A 76 43.08 11.79 15.84
N GLY A 77 43.08 10.97 16.89
CA GLY A 77 42.99 9.52 16.67
C GLY A 77 41.56 9.05 16.47
N THR A 78 41.32 7.86 15.92
CA THR A 78 39.93 7.38 15.87
C THR A 78 39.49 7.01 17.29
N LYS A 79 40.35 6.33 18.03
CA LYS A 79 40.08 6.05 19.45
C LYS A 79 39.94 7.32 20.29
N ARG A 80 40.90 8.23 20.19
CA ARG A 80 40.80 9.39 21.05
C ARG A 80 39.67 10.30 20.60
N THR A 81 39.36 10.38 19.31
CA THR A 81 38.17 11.17 18.94
C THR A 81 36.88 10.53 19.48
N MET A 82 36.69 9.21 19.33
CA MET A 82 35.55 8.55 19.96
C MET A 82 35.44 8.83 21.47
N LEU A 83 36.57 8.76 22.15
CA LEU A 83 36.62 9.06 23.58
C LEU A 83 36.22 10.48 23.92
N LEU A 84 36.83 11.40 23.18
CA LEU A 84 36.57 12.81 23.33
C LEU A 84 35.08 13.10 23.11
N GLY A 85 34.49 12.44 22.11
CA GLY A 85 33.06 12.49 21.86
C GLY A 85 32.31 12.07 23.11
N ALA A 86 32.79 10.99 23.72
CA ALA A 86 32.21 10.48 24.98
C ALA A 86 32.25 11.50 26.13
N GLY A 87 33.40 12.12 26.35
CA GLY A 87 33.50 13.13 27.39
C GLY A 87 32.52 14.25 27.09
N ILE A 88 32.56 14.72 25.84
CA ILE A 88 31.74 15.85 25.43
C ILE A 88 30.25 15.54 25.67
N LEU A 89 29.80 14.31 25.45
CA LEU A 89 28.37 14.05 25.78
C LEU A 89 28.10 13.75 27.25
N SER A 90 29.13 13.35 28.00
CA SER A 90 29.00 13.31 29.45
C SER A 90 28.61 14.71 29.88
N VAL A 91 29.34 15.70 29.35
CA VAL A 91 29.07 17.12 29.63
C VAL A 91 27.73 17.64 29.02
N GLY A 92 27.35 17.14 27.84
CA GLY A 92 26.06 17.53 27.34
C GLY A 92 24.93 17.21 28.31
N TYR A 93 24.80 15.92 28.66
CA TYR A 93 23.71 15.47 29.54
C TYR A 93 23.89 16.07 30.94
N ALA A 94 25.15 16.15 31.37
CA ALA A 94 25.49 16.84 32.61
C ALA A 94 24.83 18.22 32.59
N LEU A 95 25.07 18.98 31.55
CA LEU A 95 24.39 20.26 31.41
C LEU A 95 22.88 20.15 31.56
N MET A 96 22.30 19.28 30.75
CA MET A 96 20.84 19.08 30.77
C MET A 96 20.29 18.80 32.16
N THR A 97 21.17 18.36 33.07
CA THR A 97 20.71 18.03 34.42
C THR A 97 20.66 19.22 35.39
N VAL A 98 21.27 20.35 35.07
CA VAL A 98 21.18 21.50 35.98
C VAL A 98 19.77 22.12 35.95
N PRO A 99 19.18 22.31 37.12
CA PRO A 99 17.75 22.67 37.13
C PRO A 99 17.43 24.14 36.78
N THR A 100 17.38 24.51 35.51
CA THR A 100 16.96 25.87 35.13
C THR A 100 15.98 25.82 33.95
N GLU A 101 14.97 26.68 33.97
CA GLU A 101 14.00 26.77 32.86
C GLU A 101 14.50 27.73 31.80
N ASN A 102 15.80 27.81 31.66
CA ASN A 102 16.42 28.75 30.75
C ASN A 102 16.57 28.12 29.35
N THR A 103 15.92 28.71 28.36
CA THR A 103 15.94 28.11 27.04
C THR A 103 17.36 28.05 26.46
N TRP A 104 18.12 29.14 26.59
CA TRP A 104 19.47 29.20 26.01
C TRP A 104 20.39 28.18 26.62
N PHE A 105 20.13 27.91 27.89
CA PHE A 105 20.82 26.86 28.59
C PHE A 105 20.63 25.50 27.95
N MET A 106 19.37 25.07 27.85
CA MET A 106 19.09 23.78 27.26
C MET A 106 19.64 23.69 25.86
N PHE A 107 19.31 24.68 25.04
CA PHE A 107 19.80 24.72 23.69
C PHE A 107 21.33 24.52 23.58
N SER A 108 22.08 25.12 24.50
CA SER A 108 23.51 24.83 24.55
C SER A 108 23.74 23.37 24.82
N ALA A 109 23.07 22.84 25.85
CA ALA A 109 23.21 21.42 26.17
C ALA A 109 23.03 20.54 24.91
N LEU A 110 21.96 20.79 24.15
CA LEU A 110 21.77 20.11 22.86
C LEU A 110 22.90 20.34 21.84
N GLY A 111 23.41 21.57 21.74
CA GLY A 111 24.52 21.87 20.85
C GLY A 111 25.70 20.96 21.12
N VAL A 112 26.00 20.88 22.41
CA VAL A 112 27.02 20.00 22.97
C VAL A 112 26.77 18.51 22.65
N ILE A 113 25.51 18.11 22.70
CA ILE A 113 25.14 16.77 22.29
C ILE A 113 25.40 16.53 20.80
N VAL A 114 25.12 17.52 19.95
CA VAL A 114 25.43 17.44 18.52
C VAL A 114 26.96 17.29 18.27
N VAL A 115 27.74 18.20 18.83
CA VAL A 115 29.19 18.18 18.67
C VAL A 115 29.73 16.82 19.10
N GLY A 116 29.50 16.53 20.39
CA GLY A 116 29.91 15.25 20.96
C GLY A 116 29.38 14.03 20.22
N ASN A 117 28.21 14.06 19.60
CA ASN A 117 27.81 12.86 18.89
C ASN A 117 28.62 12.70 17.62
N GLY A 118 28.72 13.78 16.88
CA GLY A 118 29.50 13.76 15.68
C GLY A 118 30.90 13.23 15.93
N LEU A 119 31.43 13.52 17.12
CA LEU A 119 32.72 12.92 17.45
C LEU A 119 32.60 11.46 17.86
N PHE A 120 31.50 11.10 18.50
CA PHE A 120 31.43 9.74 18.98
C PHE A 120 31.04 8.70 17.93
N LYS A 121 29.86 8.74 17.34
CA LYS A 121 29.42 7.49 16.71
C LYS A 121 30.12 7.08 15.42
N PRO A 122 30.50 8.04 14.55
CA PRO A 122 31.19 7.53 13.37
C PRO A 122 32.50 6.81 13.69
N ASN A 123 33.16 7.16 14.79
CA ASN A 123 34.43 6.53 15.15
C ASN A 123 34.28 5.24 15.94
N ALA A 124 33.29 5.14 16.80
CA ALA A 124 33.09 3.85 17.45
C ALA A 124 32.72 2.83 16.37
N GLY A 125 31.88 3.26 15.43
CA GLY A 125 31.48 2.40 14.34
C GLY A 125 32.64 2.10 13.41
N ASN A 126 33.43 3.15 13.14
CA ASN A 126 34.63 3.00 12.35
C ASN A 126 35.51 1.94 12.92
N LEU A 127 35.74 1.97 14.23
CA LEU A 127 36.68 0.98 14.72
C LEU A 127 36.06 -0.41 14.85
N VAL A 128 34.74 -0.49 15.04
CA VAL A 128 34.07 -1.80 14.86
C VAL A 128 34.52 -2.35 13.52
N ARG A 129 34.50 -1.48 12.51
CA ARG A 129 34.82 -1.92 11.15
C ARG A 129 36.32 -2.24 11.00
N LYS A 130 37.19 -1.62 11.79
CA LYS A 130 38.60 -2.07 11.76
C LYS A 130 38.87 -3.36 12.54
N ILE A 131 37.98 -3.68 13.49
CA ILE A 131 38.17 -4.86 14.32
C ILE A 131 37.97 -6.11 13.45
N TYR A 132 37.28 -5.97 12.33
CA TYR A 132 37.06 -7.12 11.48
C TYR A 132 37.50 -6.98 10.03
N GLU A 133 38.51 -6.15 9.79
CA GLU A 133 39.45 -6.42 8.70
C GLU A 133 38.95 -6.12 7.30
N SER A 137 33.88 -9.69 5.66
CA SER A 137 32.46 -9.89 5.44
C SER A 137 31.67 -10.16 6.71
N LYS A 138 32.34 -10.60 7.77
CA LYS A 138 31.62 -10.68 9.03
C LYS A 138 31.76 -9.34 9.77
N ILE A 139 32.14 -8.28 9.04
CA ILE A 139 31.98 -6.94 9.60
C ILE A 139 30.48 -6.73 9.56
N ASP A 140 29.81 -7.54 8.75
CA ASP A 140 28.37 -7.49 8.60
C ASP A 140 27.71 -8.24 9.74
N SER A 141 28.20 -9.44 10.03
CA SER A 141 27.78 -10.14 11.23
C SER A 141 28.00 -9.27 12.47
N ALA A 142 29.22 -8.76 12.58
CA ALA A 142 29.62 -7.89 13.68
C ALA A 142 28.66 -6.72 13.76
N PHE A 143 28.49 -6.01 12.67
CA PHE A 143 27.63 -4.84 12.69
C PHE A 143 26.16 -5.15 13.04
N THR A 144 25.61 -6.28 12.61
CA THR A 144 24.24 -6.57 13.03
C THR A 144 24.20 -6.84 14.54
N ILE A 145 25.20 -7.58 15.07
CA ILE A 145 25.33 -7.76 16.53
C ILE A 145 25.45 -6.41 17.27
N TYR A 146 26.30 -5.56 16.74
CA TYR A 146 26.46 -4.17 17.14
C TYR A 146 25.11 -3.44 17.20
N TYR A 147 24.36 -3.47 16.09
CA TYR A 147 23.02 -2.92 15.99
C TYR A 147 22.10 -3.44 17.11
N MET A 148 22.26 -4.73 17.42
CA MET A 148 21.47 -5.32 18.50
C MET A 148 21.87 -4.76 19.89
N ALA A 149 23.18 -4.58 20.10
CA ALA A 149 23.69 -3.94 21.32
C ALA A 149 23.09 -2.55 21.47
N VAL A 150 23.08 -1.81 20.37
CA VAL A 150 22.42 -0.50 20.34
C VAL A 150 21.00 -0.62 20.86
N ASN A 151 20.17 -1.39 20.13
CA ASN A 151 18.74 -1.49 20.45
C ASN A 151 18.42 -1.90 21.87
N VAL A 152 19.19 -2.87 22.38
CA VAL A 152 18.98 -3.30 23.75
C VAL A 152 19.26 -2.09 24.67
N GLY A 153 20.41 -1.43 24.49
CA GLY A 153 20.73 -0.31 25.36
C GLY A 153 19.64 0.73 25.40
N SER A 154 19.18 1.11 24.20
CA SER A 154 18.21 2.19 24.08
C SER A 154 16.86 1.68 24.67
N THR A 155 16.60 0.38 24.57
CA THR A 155 15.45 -0.17 25.30
C THR A 155 15.60 0.11 26.80
N PHE A 156 16.77 -0.18 27.40
CA PHE A 156 16.90 0.03 28.86
C PHE A 156 16.62 1.46 29.23
N SER A 157 17.18 2.39 28.47
CA SER A 157 17.08 3.82 28.82
C SER A 157 15.67 4.35 28.63
N MET A 158 15.05 3.91 27.54
CA MET A 158 13.71 4.36 27.23
C MET A 158 12.71 3.79 28.23
N LEU A 159 12.92 2.55 28.69
CA LEU A 159 12.11 2.05 29.80
C LEU A 159 12.37 2.75 31.12
N LEU A 160 13.63 3.07 31.39
CA LEU A 160 14.06 3.62 32.69
C LEU A 160 13.81 5.12 32.90
N THR A 161 14.43 5.96 32.07
CA THR A 161 14.45 7.40 32.31
C THR A 161 13.06 8.08 32.41
N PRO A 162 12.08 7.65 31.59
CA PRO A 162 10.80 8.35 31.74
C PRO A 162 10.22 8.07 33.09
N TRP A 163 10.42 6.85 33.55
CA TRP A 163 9.86 6.41 34.81
C TRP A 163 10.58 7.13 35.94
N ILE A 164 11.88 7.40 35.77
CA ILE A 164 12.60 8.21 36.75
C ILE A 164 12.00 9.60 36.79
N LYS A 165 11.72 10.15 35.62
CA LYS A 165 11.20 11.50 35.53
C LYS A 165 9.86 11.60 36.25
N ASP A 166 9.01 10.60 36.05
CA ASP A 166 7.72 10.55 36.73
C ASP A 166 7.91 10.42 38.23
N TYR A 167 8.74 9.47 38.65
CA TYR A 167 8.92 9.13 40.07
C TYR A 167 9.46 10.29 40.89
N VAL A 168 10.52 10.90 40.38
CA VAL A 168 11.15 12.02 41.07
C VAL A 168 10.21 13.22 40.99
N ASN A 169 9.47 13.36 39.87
CA ASN A 169 8.49 14.45 39.78
C ASN A 169 7.33 14.30 40.75
N ALA A 170 7.20 13.11 41.33
CA ALA A 170 6.15 12.83 42.29
C ALA A 170 6.61 13.07 43.72
N GLN A 171 7.84 12.65 44.04
CA GLN A 171 8.32 12.86 45.42
C GLN A 171 8.96 14.26 45.63
N TYR A 172 9.20 15.00 44.53
CA TYR A 172 9.72 16.38 44.59
C TYR A 172 9.05 17.23 43.51
N GLY A 173 9.21 18.55 43.60
CA GLY A 173 8.41 19.46 42.78
C GLY A 173 8.94 19.96 41.44
N ASN A 174 8.53 19.28 40.37
CA ASN A 174 8.73 19.70 38.98
C ASN A 174 10.19 19.72 38.48
N GLU A 175 11.11 20.16 39.33
CA GLU A 175 12.55 20.08 39.04
C GLU A 175 13.27 19.52 40.28
N PHE A 176 13.96 18.39 40.14
CA PHE A 176 14.29 17.79 38.86
C PHE A 176 13.18 17.00 38.17
N GLY A 177 13.00 15.74 38.55
CA GLY A 177 12.12 14.90 37.77
C GLY A 177 12.77 14.71 36.41
N TRP A 178 12.62 15.72 35.54
CA TRP A 178 13.27 15.72 34.23
C TRP A 178 14.82 15.74 34.31
N HIS A 179 15.37 16.70 35.05
CA HIS A 179 16.82 16.83 35.18
C HIS A 179 17.41 15.57 35.81
N ALA A 180 16.62 14.96 36.70
CA ALA A 180 16.92 13.64 37.23
C ALA A 180 17.14 12.62 36.10
N ALA A 181 16.20 12.58 35.16
CA ALA A 181 16.29 11.69 34.00
C ALA A 181 17.54 11.93 33.17
N PHE A 182 17.80 13.20 32.85
CA PHE A 182 19.03 13.55 32.13
C PHE A 182 20.34 13.19 32.88
N ALA A 183 20.31 13.29 34.22
CA ALA A 183 21.42 12.88 35.08
C ALA A 183 21.65 11.37 34.94
N VAL A 184 20.54 10.65 34.88
CA VAL A 184 20.56 9.24 34.56
C VAL A 184 21.32 9.03 33.24
N CYS A 185 20.97 9.80 32.21
CA CYS A 185 21.71 9.71 30.94
C CYS A 185 23.23 9.92 31.13
N CYS A 186 23.56 11.01 31.82
CA CYS A 186 24.95 11.37 32.04
C CYS A 186 25.75 10.25 32.71
N VAL A 187 25.19 9.66 33.77
CA VAL A 187 25.85 8.54 34.42
C VAL A 187 25.82 7.27 33.55
N GLY A 188 24.97 7.28 32.52
CA GLY A 188 25.04 6.24 31.51
C GLY A 188 26.31 6.42 30.69
N ILE A 189 26.56 7.65 30.24
CA ILE A 189 27.78 7.92 29.48
C ILE A 189 29.02 7.61 30.33
N LEU A 190 29.02 8.12 31.56
CA LEU A 190 30.10 7.87 32.53
C LEU A 190 30.35 6.40 32.78
N VAL A 191 29.25 5.64 32.89
CA VAL A 191 29.31 4.18 33.01
C VAL A 191 30.09 3.58 31.84
N GLY A 192 29.65 3.93 30.64
CA GLY A 192 30.33 3.44 29.45
C GLY A 192 31.79 3.85 29.40
N LEU A 193 32.09 5.02 29.94
CA LEU A 193 33.45 5.49 29.98
C LEU A 193 34.33 4.67 30.89
N GLY A 194 33.83 4.30 32.09
CA GLY A 194 34.61 3.41 32.97
C GLY A 194 34.88 2.04 32.32
N ASN A 195 33.82 1.56 31.67
CA ASN A 195 33.87 0.35 30.87
C ASN A 195 35.06 0.46 29.93
N TYR A 196 35.05 1.51 29.11
CA TYR A 196 36.16 1.72 28.17
C TYR A 196 37.48 1.84 28.87
N ALA A 197 37.60 2.44 30.04
CA ALA A 197 38.94 2.57 30.61
C ALA A 197 39.56 1.17 30.77
N LEU A 198 38.90 0.44 31.65
CA LEU A 198 39.30 -0.94 31.93
C LEU A 198 39.69 -1.65 30.60
N MET A 199 38.67 -1.74 29.78
CA MET A 199 38.89 -2.37 28.52
C MET A 199 39.82 -1.52 27.58
N HIS A 200 40.35 -0.37 28.06
CA HIS A 200 40.91 0.75 27.21
C HIS A 200 41.98 0.09 26.56
N LYS A 201 42.79 -0.40 27.45
CA LYS A 201 43.94 -1.05 26.88
C LYS A 201 43.51 -2.45 26.65
N SER A 202 42.63 -2.98 27.53
CA SER A 202 42.25 -4.39 27.36
C SER A 202 42.04 -4.89 25.92
N LEU A 203 40.96 -4.48 25.26
CA LEU A 203 40.76 -4.92 23.88
C LEU A 203 41.07 -3.92 22.76
N ALA A 204 40.48 -2.72 22.82
CA ALA A 204 40.50 -1.74 21.72
C ALA A 204 41.89 -1.54 21.07
N ASN A 205 42.95 -1.54 21.88
CA ASN A 205 44.35 -1.57 21.41
C ASN A 205 44.68 -1.00 20.01
N TYR A 206 44.66 -1.88 19.01
CA TYR A 206 44.96 -1.50 17.62
C TYR A 206 43.67 -1.18 16.80
N GLY A 207 43.66 0.05 16.28
CA GLY A 207 42.57 0.59 15.48
C GLY A 207 42.83 2.08 15.46
N SER A 208 42.57 2.74 14.32
CA SER A 208 42.77 4.21 14.03
C SER A 208 43.98 4.46 13.14
N GLU A 209 44.10 5.68 12.62
CA GLU A 209 45.29 6.03 11.83
C GLU A 209 46.20 7.12 12.48
N PRO A 210 45.62 8.28 12.85
CA PRO A 210 46.47 9.32 13.45
C PRO A 210 46.55 9.20 14.97
N ASP A 211 46.25 8.01 15.48
CA ASP A 211 46.29 7.73 16.91
C ASP A 211 47.57 7.04 17.29
N THR A 212 48.40 6.74 16.29
CA THR A 212 49.65 6.00 16.51
C THR A 212 50.81 6.87 17.00
N ARG A 213 50.68 8.19 16.87
CA ARG A 213 51.71 9.16 17.29
C ARG A 213 51.18 10.05 18.42
N PRO A 214 52.07 10.72 19.17
CA PRO A 214 51.48 11.39 20.35
C PRO A 214 50.52 12.55 19.98
N VAL A 215 49.49 12.82 20.79
CA VAL A 215 48.37 13.70 20.38
C VAL A 215 48.80 15.12 20.00
N ASN A 216 48.50 15.57 18.78
CA ASN A 216 48.97 16.89 18.35
C ASN A 216 48.15 18.00 19.02
N LYS A 217 48.68 18.56 20.10
CA LYS A 217 47.92 19.53 20.87
C LYS A 217 47.59 20.82 20.11
N LYS A 218 48.24 21.15 19.00
CA LYS A 218 47.71 22.30 18.26
C LYS A 218 46.39 21.88 17.66
N SER A 219 46.37 20.71 17.06
CA SER A 219 45.13 20.23 16.45
C SER A 219 44.10 19.84 17.50
N LEU A 220 44.54 19.51 18.72
CA LEU A 220 43.57 19.23 19.77
C LEU A 220 42.91 20.54 20.17
N ALA A 221 43.74 21.57 20.38
CA ALA A 221 43.26 22.89 20.77
C ALA A 221 42.34 23.46 19.68
N ILE A 222 42.79 23.45 18.43
CA ILE A 222 41.97 23.96 17.32
C ILE A 222 40.67 23.12 17.11
N VAL A 223 40.68 21.78 17.23
CA VAL A 223 39.35 21.14 17.09
C VAL A 223 38.44 21.39 18.30
N LEU A 224 38.97 21.42 19.51
CA LEU A 224 38.12 21.77 20.66
C LEU A 224 37.52 23.15 20.49
N ALA A 225 38.35 24.13 20.11
CA ALA A 225 37.85 25.47 19.87
C ALA A 225 36.73 25.46 18.83
N LEU A 226 37.00 24.87 17.66
CA LEU A 226 35.97 24.76 16.63
C LEU A 226 34.70 24.03 17.09
N ALA A 227 34.86 23.12 18.05
CA ALA A 227 33.75 22.42 18.68
C ALA A 227 32.91 23.39 19.54
N ALA A 228 33.55 24.23 20.33
CA ALA A 228 32.81 25.24 21.10
C ALA A 228 32.01 26.11 20.16
N LEU A 229 32.68 26.52 19.08
CA LEU A 229 32.00 27.29 18.06
C LEU A 229 30.78 26.52 17.56
N SER A 230 30.97 25.22 17.35
CA SER A 230 29.92 24.36 16.81
C SER A 230 28.73 24.32 17.76
N VAL A 231 29.00 24.40 19.06
CA VAL A 231 27.95 24.51 20.05
C VAL A 231 27.20 25.87 19.98
N VAL A 232 27.93 26.97 19.79
CA VAL A 232 27.23 28.25 19.61
C VAL A 232 26.40 28.36 18.29
N ALA A 233 27.00 27.94 17.18
CA ALA A 233 26.28 27.88 15.90
C ALA A 233 25.05 26.96 16.00
N SER A 234 25.22 25.80 16.62
CA SER A 234 24.09 24.92 16.91
C SER A 234 23.00 25.60 17.73
N ALA A 235 23.33 26.08 18.93
CA ALA A 235 22.35 26.69 19.81
C ALA A 235 21.59 27.80 19.11
N ILE A 236 22.27 28.56 18.25
CA ILE A 236 21.55 29.63 17.56
C ILE A 236 20.71 29.12 16.38
N ILE A 237 21.09 28.01 15.77
CA ILE A 237 20.20 27.36 14.80
C ILE A 237 18.95 26.78 15.48
N LEU A 238 19.10 26.21 16.67
CA LEU A 238 17.93 25.66 17.31
C LEU A 238 17.00 26.74 17.83
N GLU A 239 17.51 27.65 18.68
CA GLU A 239 16.64 28.63 19.35
C GLU A 239 15.81 29.36 18.32
N TYR A 240 16.46 30.03 17.37
CA TYR A 240 15.67 30.77 16.38
C TYR A 240 15.24 29.86 15.24
N GLU A 241 13.94 29.57 15.22
CA GLU A 241 13.35 28.65 14.28
C GLU A 241 13.64 29.04 12.84
N ASP A 242 13.64 30.34 12.59
CA ASP A 242 13.70 30.80 11.22
C ASP A 242 15.12 30.56 10.72
N VAL A 243 16.11 30.75 11.61
CA VAL A 243 17.51 30.42 11.31
C VAL A 243 17.69 28.98 10.81
N ALA A 244 17.19 28.03 11.59
CA ALA A 244 17.23 26.63 11.22
C ALA A 244 16.60 26.46 9.87
N ARG A 245 15.43 27.08 9.66
CA ARG A 245 14.70 26.87 8.41
C ARG A 245 15.45 27.44 7.19
N VAL A 246 16.12 28.58 7.36
CA VAL A 246 16.99 29.13 6.31
C VAL A 246 18.16 28.24 5.97
N PHE A 247 18.85 27.72 6.98
CA PHE A 247 20.00 26.90 6.66
C PHE A 247 19.57 25.53 6.17
N VAL A 248 18.46 25.01 6.68
CA VAL A 248 17.86 23.80 6.11
C VAL A 248 17.51 24.01 4.64
N TYR A 249 16.92 25.16 4.34
CA TYR A 249 16.60 25.49 2.97
C TYR A 249 17.88 25.50 2.12
N ALA A 250 18.91 26.16 2.65
CA ALA A 250 20.20 26.27 1.98
C ALA A 250 20.76 24.88 1.65
N ALA A 251 20.85 24.02 2.66
CA ALA A 251 21.25 22.62 2.48
C ALA A 251 20.37 21.95 1.42
N GLY A 252 19.14 22.44 1.28
CA GLY A 252 18.22 21.93 0.30
C GLY A 252 18.63 22.27 -1.11
N VAL A 253 18.82 23.56 -1.38
CA VAL A 253 19.29 24.01 -2.69
C VAL A 253 20.64 23.43 -3.02
N ALA A 254 21.43 23.13 -1.98
CA ALA A 254 22.72 22.47 -2.17
C ALA A 254 22.55 21.03 -2.69
N VAL A 255 21.74 20.21 -2.02
CA VAL A 255 21.60 18.83 -2.50
C VAL A 255 20.88 18.77 -3.87
N LEU A 256 19.96 19.71 -4.10
CA LEU A 256 19.30 19.83 -5.40
C LEU A 256 20.31 20.25 -6.49
N GLY A 257 21.23 21.13 -6.13
CA GLY A 257 22.29 21.49 -7.04
C GLY A 257 23.14 20.28 -7.42
N ILE A 258 23.85 19.77 -6.42
CA ILE A 258 24.76 18.64 -6.61
C ILE A 258 24.12 17.54 -7.41
N PHE A 259 22.87 17.22 -7.09
CA PHE A 259 22.19 16.19 -7.86
C PHE A 259 21.96 16.59 -9.31
N PHE A 260 21.34 17.74 -9.55
CA PHE A 260 21.03 18.02 -10.95
C PHE A 260 22.18 18.53 -11.84
N HIS A 261 23.41 18.62 -11.34
CA HIS A 261 24.46 18.76 -12.37
C HIS A 261 25.29 17.45 -12.41
N LEU A 262 25.26 16.67 -11.34
CA LEU A 262 25.69 15.28 -11.42
C LEU A 262 24.66 14.43 -12.17
N GLU A 270 24.88 6.32 -18.49
CA GLU A 270 25.11 6.55 -17.06
C GLU A 270 23.88 7.15 -16.38
N ARG A 271 23.08 7.90 -17.14
CA ARG A 271 21.93 8.62 -16.60
C ARG A 271 20.84 7.76 -15.94
N ALA A 272 20.59 6.57 -16.47
CA ALA A 272 19.50 5.74 -15.96
C ALA A 272 19.76 5.22 -14.54
N GLY A 273 20.99 4.82 -14.27
CA GLY A 273 21.35 4.20 -13.00
C GLY A 273 21.31 5.17 -11.83
N LEU A 274 21.56 6.45 -12.10
CA LEU A 274 21.51 7.34 -10.97
C LEU A 274 20.42 8.40 -11.10
N ILE A 275 19.57 8.26 -12.11
CA ILE A 275 18.24 8.84 -11.97
C ILE A 275 17.50 7.87 -11.06
N ALA A 276 17.88 6.59 -11.16
CA ALA A 276 17.41 5.59 -10.22
C ALA A 276 17.95 5.89 -8.84
N ALA A 277 19.22 6.29 -8.74
CA ALA A 277 19.79 6.69 -7.45
C ALA A 277 19.06 7.89 -6.88
N LEU A 278 18.75 8.85 -7.74
CA LEU A 278 17.95 10.00 -7.35
C LEU A 278 16.62 9.57 -6.72
N ILE A 279 15.88 8.72 -7.44
CA ILE A 279 14.62 8.15 -6.98
C ILE A 279 14.77 7.44 -5.62
N LEU A 280 15.85 6.67 -5.51
CA LEU A 280 16.14 5.93 -4.30
C LEU A 280 16.33 6.87 -3.11
N THR A 281 17.03 7.99 -3.30
CA THR A 281 17.23 8.86 -2.14
C THR A 281 16.05 9.78 -1.88
N VAL A 282 15.19 10.02 -2.89
CA VAL A 282 13.96 10.77 -2.58
C VAL A 282 13.07 9.84 -1.75
N GLN A 283 13.05 8.53 -2.04
CA GLN A 283 12.27 7.67 -1.16
C GLN A 283 12.92 7.47 0.17
N THR A 284 14.25 7.54 0.23
CA THR A 284 14.85 7.53 1.55
C THR A 284 14.36 8.76 2.32
N VAL A 285 14.29 9.90 1.64
CA VAL A 285 13.85 11.15 2.28
C VAL A 285 12.43 11.02 2.88
N PHE A 286 11.51 10.50 2.08
CA PHE A 286 10.16 10.27 2.62
C PHE A 286 10.26 9.35 3.84
N PHE A 287 10.99 8.24 3.65
CA PHE A 287 11.06 7.25 4.70
C PHE A 287 11.44 7.90 6.01
N PHE A 288 12.41 8.78 5.94
CA PHE A 288 12.82 9.48 7.14
C PHE A 288 11.75 10.40 7.67
N ILE A 289 10.89 10.93 6.80
CA ILE A 289 9.80 11.72 7.36
C ILE A 289 8.93 10.88 8.27
N PHE A 290 8.49 9.71 7.78
CA PHE A 290 7.66 8.81 8.63
C PHE A 290 8.35 8.46 9.97
N TYR A 291 9.61 8.05 9.81
CA TYR A 291 10.34 7.61 10.98
C TYR A 291 10.39 8.80 11.98
N GLN A 292 10.61 10.01 11.49
CA GLN A 292 10.58 11.15 12.39
C GLN A 292 9.21 11.29 13.04
N GLN A 293 8.15 10.88 12.35
CA GLN A 293 6.82 11.00 12.97
C GLN A 293 6.81 10.36 14.33
N MET A 294 7.66 9.35 14.56
CA MET A 294 7.47 8.81 15.94
C MET A 294 8.15 9.53 17.14
N SER A 295 9.14 10.41 16.94
CA SER A 295 9.63 11.27 18.07
C SER A 295 8.61 12.33 18.41
N THR A 296 7.82 12.66 17.41
CA THR A 296 7.03 13.87 17.34
C THR A 296 5.51 13.64 17.45
N SER A 297 4.82 13.62 16.31
CA SER A 297 3.35 13.54 16.29
C SER A 297 2.80 12.33 17.04
N LEU A 298 3.40 11.15 16.82
CA LEU A 298 2.96 9.96 17.55
C LEU A 298 3.31 10.02 19.03
N ALA A 299 4.39 10.74 19.39
CA ALA A 299 4.72 10.90 20.80
C ALA A 299 3.68 11.75 21.46
N LEU A 300 3.38 12.89 20.86
CA LEU A 300 2.35 13.78 21.36
C LEU A 300 0.97 13.12 21.36
N PHE A 301 0.69 12.35 20.31
CA PHE A 301 -0.56 11.61 20.21
C PHE A 301 -0.63 10.62 21.38
N ALA A 302 0.50 10.03 21.72
CA ALA A 302 0.58 9.07 22.83
C ALA A 302 0.30 9.77 24.14
N LEU A 303 0.93 10.92 24.34
CA LEU A 303 0.76 11.73 25.54
C LEU A 303 -0.67 12.28 25.67
N ARG A 304 -1.37 12.40 24.54
CA ARG A 304 -2.66 13.09 24.56
C ARG A 304 -3.94 12.26 24.31
N ASN A 305 -3.82 11.11 23.65
CA ASN A 305 -4.98 10.38 23.13
C ASN A 305 -4.80 8.85 23.17
N VAL A 306 -4.17 8.34 24.22
CA VAL A 306 -3.91 6.90 24.38
C VAL A 306 -4.05 6.56 25.85
N ASP A 307 -4.93 5.62 26.20
CA ASP A 307 -5.11 5.20 27.60
C ASP A 307 -3.85 4.49 28.09
N TRP A 308 -3.06 5.19 28.89
CA TRP A 308 -1.79 4.67 29.39
C TRP A 308 -1.92 3.42 30.24
N ASP A 309 -3.12 2.88 30.40
CA ASP A 309 -3.19 1.66 31.16
C ASP A 309 -3.21 0.58 30.09
N PHE A 310 -2.23 -0.32 30.23
CA PHE A 310 -1.94 -1.35 29.26
C PHE A 310 -2.62 -2.64 29.66
N GLN A 311 -3.61 -3.10 28.91
CA GLN A 311 -4.20 -4.37 29.34
C GLN A 311 -4.13 -5.55 28.33
N VAL A 312 -3.65 -6.69 28.84
CA VAL A 312 -3.49 -7.94 28.09
C VAL A 312 -4.75 -8.83 28.20
N PHE A 313 -5.83 -8.39 27.57
CA PHE A 313 -7.20 -8.96 27.66
C PHE A 313 -7.46 -10.13 28.67
N GLY A 314 -8.08 -9.92 29.85
CA GLY A 314 -8.60 -8.65 30.35
C GLY A 314 -8.46 -8.35 31.85
N THR A 315 -7.23 -8.46 32.38
CA THR A 315 -6.78 -8.02 33.72
C THR A 315 -6.33 -6.53 33.76
N HIS A 316 -5.28 -6.16 34.52
CA HIS A 316 -4.85 -4.74 34.58
C HIS A 316 -3.44 -4.31 34.08
N LEU A 317 -2.39 -5.10 34.31
CA LEU A 317 -1.00 -4.58 34.26
C LEU A 317 -0.40 -4.23 32.88
N TRP A 318 0.33 -3.11 32.79
CA TRP A 318 0.58 -2.18 33.89
C TRP A 318 -0.01 -0.83 33.49
N THR A 319 0.67 0.27 33.81
CA THR A 319 0.23 1.61 33.39
C THR A 319 1.41 2.41 32.81
N TRP A 320 1.32 2.71 31.52
CA TRP A 320 2.40 3.38 30.79
C TRP A 320 2.73 4.80 31.25
N SER A 321 3.99 5.19 31.01
CA SER A 321 4.37 6.58 30.86
C SER A 321 4.60 6.76 29.36
N PRO A 322 3.89 7.72 28.75
CA PRO A 322 3.81 7.97 27.30
C PRO A 322 5.16 7.87 26.59
N ALA A 323 6.19 8.46 27.18
CA ALA A 323 7.53 8.40 26.60
C ALA A 323 7.95 6.94 26.36
N GLN A 324 7.67 6.11 27.37
CA GLN A 324 8.06 4.70 27.35
C GLN A 324 7.47 3.96 26.14
N PHE A 325 6.42 4.51 25.54
CA PHE A 325 5.86 3.90 24.33
C PHE A 325 6.96 3.76 23.24
N GLN A 326 7.85 4.74 23.14
CA GLN A 326 8.88 4.74 22.10
C GLN A 326 9.87 3.57 22.28
N ALA A 327 9.95 3.05 23.50
CA ALA A 327 10.81 1.91 23.79
C ALA A 327 10.36 0.71 23.00
N LEU A 328 9.10 0.75 22.57
CA LEU A 328 8.52 -0.30 21.71
C LEU A 328 9.24 -0.43 20.38
N ASN A 329 9.96 0.62 20.01
CA ASN A 329 10.68 0.57 18.75
C ASN A 329 11.81 -0.48 18.79
N PRO A 330 12.79 -0.32 19.72
CA PRO A 330 13.86 -1.32 19.75
C PRO A 330 13.39 -2.69 20.23
N ILE A 331 12.47 -2.68 21.19
CA ILE A 331 11.84 -3.91 21.68
C ILE A 331 11.37 -4.82 20.52
N TRP A 332 10.46 -4.31 19.71
CA TRP A 332 9.98 -5.09 18.59
C TRP A 332 11.10 -5.45 17.64
N ILE A 333 12.11 -4.58 17.52
CA ILE A 333 13.20 -4.89 16.60
C ILE A 333 13.87 -6.15 17.08
N MET A 334 14.15 -6.21 18.38
CA MET A 334 14.80 -7.40 18.89
C MET A 334 13.84 -8.58 18.68
N VAL A 335 12.55 -8.36 18.96
CA VAL A 335 11.57 -9.43 18.91
C VAL A 335 11.46 -9.96 17.47
N LEU A 336 11.54 -9.07 16.49
CA LEU A 336 11.35 -9.53 15.11
C LEU A 336 12.63 -9.80 14.36
N SER A 337 13.78 -9.48 14.95
CA SER A 337 14.98 -9.68 14.15
C SER A 337 15.31 -11.17 13.98
N PRO A 338 14.98 -12.02 14.97
CA PRO A 338 15.14 -13.43 14.64
C PRO A 338 14.10 -13.90 13.63
N VAL A 339 12.92 -13.28 13.64
CA VAL A 339 11.86 -13.68 12.74
C VAL A 339 12.34 -13.51 11.30
N LEU A 340 12.99 -12.38 11.04
CA LEU A 340 13.48 -12.10 9.70
C LEU A 340 14.76 -12.87 9.36
N ALA A 341 15.39 -13.47 10.37
CA ALA A 341 16.57 -14.28 10.11
C ALA A 341 16.20 -15.52 9.30
N TRP A 342 14.94 -15.93 9.42
CA TRP A 342 14.50 -17.21 8.88
C TRP A 342 13.94 -17.04 7.46
N ILE A 356 15.47 -7.01 -5.35
CA ILE A 356 15.34 -7.21 -3.90
C ILE A 356 15.51 -5.88 -3.17
N ALA A 357 15.46 -4.77 -3.91
CA ALA A 357 15.18 -3.47 -3.28
C ALA A 357 13.68 -3.23 -3.41
N ALA A 358 12.96 -4.34 -3.62
CA ALA A 358 11.52 -4.43 -3.47
C ALA A 358 11.21 -4.53 -1.98
N LYS A 359 12.26 -4.70 -1.18
CA LYS A 359 12.12 -4.73 0.27
C LYS A 359 11.95 -3.30 0.78
N PHE A 360 12.28 -2.33 -0.06
CA PHE A 360 11.95 -0.92 0.15
C PHE A 360 10.43 -0.73 -0.02
N ALA A 361 9.89 -1.33 -1.09
CA ALA A 361 8.47 -1.31 -1.34
C ALA A 361 7.73 -1.90 -0.15
N LEU A 362 8.12 -3.12 0.23
CA LEU A 362 7.51 -3.75 1.39
C LEU A 362 7.58 -2.89 2.66
N GLY A 363 8.75 -2.29 2.91
CA GLY A 363 8.95 -1.42 4.04
C GLY A 363 7.86 -0.37 4.08
N PHE A 364 7.75 0.37 2.97
CA PHE A 364 6.72 1.42 2.80
C PHE A 364 5.29 0.93 3.03
N ALA A 365 4.98 -0.26 2.49
CA ALA A 365 3.64 -0.83 2.66
C ALA A 365 3.34 -1.10 4.13
N VAL A 366 4.32 -1.67 4.83
CA VAL A 366 4.09 -2.02 6.22
C VAL A 366 3.97 -0.79 7.11
N VAL A 367 4.88 0.16 6.93
CA VAL A 367 4.76 1.47 7.59
C VAL A 367 3.34 1.97 7.41
N ALA A 368 2.91 1.91 6.14
CA ALA A 368 1.55 2.32 5.75
C ALA A 368 0.46 1.74 6.65
N ILE A 369 0.36 0.41 6.75
CA ILE A 369 -0.66 -0.12 7.69
C ILE A 369 -0.40 0.29 9.15
N GLY A 370 0.85 0.60 9.52
CA GLY A 370 1.06 1.12 10.87
C GLY A 370 0.27 2.42 11.11
N PHE A 371 0.49 3.38 10.21
CA PHE A 371 -0.26 4.64 10.21
C PHE A 371 -1.76 4.46 10.13
N PHE A 372 -2.21 3.41 9.43
CA PHE A 372 -3.64 3.10 9.40
C PHE A 372 -4.13 2.47 10.70
N ILE A 373 -3.25 1.81 11.42
CA ILE A 373 -3.63 1.35 12.76
C ILE A 373 -3.94 2.55 13.65
N TYR A 374 -3.01 3.51 13.69
CA TYR A 374 -3.31 4.75 14.45
C TYR A 374 -4.44 5.54 13.84
N GLY A 375 -4.57 5.39 12.53
CA GLY A 375 -5.60 6.08 11.81
C GLY A 375 -6.96 5.61 12.27
N PHE A 376 -7.07 4.32 12.57
CA PHE A 376 -8.33 3.88 13.08
C PHE A 376 -8.11 3.40 14.53
N ALA A 377 -7.25 4.16 15.21
CA ALA A 377 -7.23 4.15 16.67
C ALA A 377 -8.48 4.86 17.24
N GLY A 378 -9.15 5.68 16.42
CA GLY A 378 -10.36 6.36 16.85
C GLY A 378 -11.60 5.49 16.73
N GLN A 379 -11.95 5.14 15.49
CA GLN A 379 -13.16 4.37 15.19
C GLN A 379 -13.07 2.98 15.83
N PHE A 380 -12.04 2.78 16.64
CA PHE A 380 -11.83 1.58 17.43
C PHE A 380 -11.37 1.96 18.84
N ALA A 381 -11.94 1.31 19.86
CA ALA A 381 -11.46 1.47 21.23
C ALA A 381 -11.35 2.93 21.62
N VAL A 382 -12.47 3.61 21.89
CA VAL A 382 -12.39 5.05 22.21
C VAL A 382 -13.29 5.60 23.33
N ASN A 383 -12.68 6.39 24.21
CA ASN A 383 -13.35 6.99 25.37
C ASN A 383 -12.94 8.47 25.39
N GLY A 384 -12.55 8.97 24.22
CA GLY A 384 -11.71 10.15 24.10
C GLY A 384 -10.24 9.74 24.05
N LYS A 385 -9.61 9.80 25.23
CA LYS A 385 -8.27 9.31 25.49
C LYS A 385 -8.20 7.79 25.39
N THR A 386 -8.16 7.20 24.21
CA THR A 386 -8.19 5.74 24.22
C THR A 386 -7.46 5.00 23.09
N SER A 387 -6.72 3.97 23.45
CA SER A 387 -6.14 3.04 22.51
C SER A 387 -5.35 1.96 23.25
N SER A 388 -4.16 2.34 23.72
CA SER A 388 -3.16 1.51 24.42
C SER A 388 -2.45 0.51 23.50
N TRP A 389 -3.19 -0.48 23.03
CA TRP A 389 -2.60 -1.47 22.15
C TRP A 389 -2.31 -0.86 20.79
N VAL A 390 -2.92 0.30 20.51
CA VAL A 390 -2.70 0.88 19.22
C VAL A 390 -1.25 1.22 19.11
N MET A 391 -0.68 1.74 20.19
CA MET A 391 0.74 2.05 20.17
C MET A 391 1.52 0.78 19.88
N ILE A 392 1.15 -0.32 20.50
CA ILE A 392 1.93 -1.54 20.36
C ILE A 392 1.94 -2.10 18.95
N TRP A 393 0.76 -2.26 18.36
CA TRP A 393 0.66 -2.83 17.03
C TRP A 393 1.17 -1.87 15.97
N GLY A 394 0.88 -0.59 16.16
CA GLY A 394 1.42 0.40 15.26
C GLY A 394 2.93 0.25 15.26
N TYR A 395 3.55 0.40 16.43
CA TYR A 395 5.02 0.35 16.58
C TYR A 395 5.61 -0.99 16.10
N ALA A 396 4.86 -2.06 16.29
CA ALA A 396 5.28 -3.35 15.75
C ALA A 396 5.50 -3.15 14.26
N SER A 397 4.47 -2.64 13.58
CA SER A 397 4.52 -2.42 12.15
C SER A 397 5.62 -1.47 11.70
N TYR A 398 5.76 -0.34 12.37
CA TYR A 398 6.80 0.62 12.00
C TYR A 398 8.16 -0.01 12.08
N SER A 399 8.49 -0.60 13.23
CA SER A 399 9.85 -1.11 13.41
C SER A 399 10.07 -2.32 12.51
N LEU A 400 9.02 -3.03 12.14
CA LEU A 400 9.20 -4.03 11.09
C LEU A 400 9.66 -3.38 9.78
N GLY A 401 9.01 -2.29 9.38
CA GLY A 401 9.45 -1.57 8.19
C GLY A 401 10.90 -1.11 8.24
N GLU A 402 11.25 -0.47 9.36
CA GLU A 402 12.61 -0.04 9.63
C GLU A 402 13.58 -1.20 9.46
N LEU A 403 13.20 -2.36 10.01
CA LEU A 403 14.04 -3.54 9.93
C LEU A 403 14.28 -3.96 8.52
N LEU A 404 13.21 -3.99 7.73
CA LEU A 404 13.31 -4.48 6.37
C LEU A 404 13.96 -3.45 5.45
N VAL A 405 14.23 -2.24 5.95
CA VAL A 405 15.06 -1.34 5.13
C VAL A 405 16.43 -0.97 5.75
N SER A 406 17.22 -1.98 6.09
CA SER A 406 18.58 -1.74 6.54
C SER A 406 19.55 -1.72 5.36
N GLY A 407 19.01 -1.67 4.14
CA GLY A 407 19.81 -1.58 2.94
C GLY A 407 19.86 -0.20 2.34
N LEU A 408 20.00 0.82 3.18
CA LEU A 408 19.99 2.18 2.71
C LEU A 408 21.40 2.79 2.84
N GLY A 409 22.39 1.91 2.94
CA GLY A 409 23.78 2.27 2.70
C GLY A 409 23.93 3.05 1.41
N LEU A 410 24.98 3.85 1.30
CA LEU A 410 25.10 4.68 0.12
C LEU A 410 25.70 3.86 -1.02
N ALA A 411 26.30 2.73 -0.67
CA ALA A 411 26.75 1.74 -1.64
C ALA A 411 25.58 1.11 -2.39
N MET A 412 24.38 1.30 -1.85
CA MET A 412 23.14 0.77 -2.43
C MET A 412 22.55 1.72 -3.46
N ILE A 413 23.08 2.93 -3.52
CA ILE A 413 22.75 3.84 -4.61
C ILE A 413 23.99 4.09 -5.47
N ALA A 414 25.08 3.36 -5.21
CA ALA A 414 26.26 3.41 -6.07
C ALA A 414 25.89 2.89 -7.45
N ARG A 415 25.26 1.71 -7.44
CA ARG A 415 24.73 1.07 -8.64
C ARG A 415 23.37 1.68 -9.04
N MET A 425 29.81 10.46 -2.26
CA MET A 425 28.36 10.57 -2.14
C MET A 425 27.88 10.49 -0.70
N MET A 426 28.81 10.27 0.24
CA MET A 426 28.56 10.45 1.67
C MET A 426 27.71 11.72 1.82
N GLY A 427 28.18 12.80 1.21
CA GLY A 427 27.52 14.08 1.31
C GLY A 427 26.06 14.11 0.88
N ALA A 428 25.82 14.08 -0.43
CA ALA A 428 24.49 14.35 -0.99
C ALA A 428 23.40 13.56 -0.30
N TYR A 429 23.68 12.29 -0.08
CA TYR A 429 22.75 11.41 0.60
C TYR A 429 22.64 11.79 2.07
N PHE A 430 23.75 12.09 2.73
CA PHE A 430 23.63 12.47 4.14
C PHE A 430 22.83 13.75 4.33
N VAL A 431 23.11 14.74 3.51
CA VAL A 431 22.43 16.00 3.67
C VAL A 431 20.96 15.89 3.31
N ALA A 432 20.64 15.20 2.21
CA ALA A 432 19.25 14.96 1.90
C ALA A 432 18.61 14.34 3.12
N SER A 433 19.28 13.35 3.74
CA SER A 433 18.71 12.65 4.91
C SER A 433 18.52 13.51 6.18
N GLY A 434 19.49 14.35 6.53
CA GLY A 434 19.26 15.30 7.63
C GLY A 434 18.09 16.24 7.34
N ILE A 435 18.13 16.85 6.16
CA ILE A 435 17.09 17.75 5.72
C ILE A 435 15.73 17.08 5.91
N SER A 436 15.69 15.77 5.63
CA SER A 436 14.46 15.01 5.82
C SER A 436 14.10 14.82 7.30
N GLN A 437 15.09 14.77 8.20
CA GLN A 437 14.70 14.79 9.61
C GLN A 437 13.89 16.05 9.93
N TYR A 438 14.47 17.18 9.58
CA TYR A 438 13.73 18.43 9.79
C TYR A 438 12.30 18.42 9.12
N LEU A 439 12.24 18.09 7.82
CA LEU A 439 10.97 18.01 7.09
C LEU A 439 9.94 17.16 7.90
N GLY A 440 10.40 15.99 8.36
CA GLY A 440 9.61 15.07 9.20
C GLY A 440 9.03 15.81 10.40
N GLY A 441 9.82 16.75 10.91
CA GLY A 441 9.34 17.66 11.92
C GLY A 441 8.20 18.56 11.49
N VAL A 442 8.27 19.10 10.28
CA VAL A 442 7.15 19.94 9.84
C VAL A 442 5.85 19.13 9.51
N VAL A 443 5.99 17.88 9.04
CA VAL A 443 4.81 17.05 8.83
C VAL A 443 4.18 16.75 10.22
N ALA A 444 5.09 16.50 11.16
CA ALA A 444 4.67 16.25 12.51
C ALA A 444 3.85 17.43 12.97
N ASN A 445 4.28 18.61 12.49
CA ASN A 445 3.57 19.85 12.73
C ASN A 445 2.22 19.96 12.05
N PHE A 446 2.03 19.22 10.95
CA PHE A 446 0.68 19.13 10.38
C PHE A 446 -0.26 18.56 11.39
N ALA A 447 0.26 18.03 12.48
CA ALA A 447 -0.75 17.77 13.54
C ALA A 447 -0.53 18.49 14.89
N SER A 448 -0.10 19.75 14.83
CA SER A 448 0.14 20.50 16.06
C SER A 448 -1.17 21.00 16.61
N VAL A 449 -1.32 20.85 17.91
CA VAL A 449 -2.52 21.23 18.67
C VAL A 449 -2.30 22.51 19.49
N PRO A 450 -3.25 23.47 19.43
CA PRO A 450 -3.16 24.66 20.30
C PRO A 450 -3.00 24.28 21.76
N GLN A 451 -2.23 25.05 22.50
CA GLN A 451 -2.04 24.72 23.90
C GLN A 451 -3.31 24.91 24.71
N ASP A 452 -4.23 25.72 24.17
CA ASP A 452 -5.50 25.97 24.85
C ASP A 452 -6.57 24.93 24.54
N LEU A 453 -6.19 23.91 23.78
CA LEU A 453 -7.13 22.83 23.40
C LEU A 453 -6.73 21.48 24.07
N VAL A 454 -7.44 21.16 25.15
CA VAL A 454 -7.14 20.01 26.02
C VAL A 454 -8.27 18.99 26.02
N ASP A 455 -9.20 19.12 25.08
CA ASP A 455 -10.31 18.19 25.00
C ASP A 455 -9.91 17.04 24.06
N PRO A 456 -9.55 15.87 24.64
CA PRO A 456 -8.94 14.75 23.88
C PRO A 456 -9.86 14.26 22.77
N LEU A 457 -11.14 14.52 22.97
CA LEU A 457 -12.20 14.23 22.02
C LEU A 457 -12.04 15.01 20.70
N GLN A 458 -11.28 16.12 20.75
CA GLN A 458 -11.08 16.96 19.58
C GLN A 458 -9.66 16.83 19.05
N THR A 459 -8.75 16.43 19.94
CA THR A 459 -7.35 16.21 19.55
C THR A 459 -7.17 14.86 18.84
N LEU A 460 -8.03 13.90 19.16
CA LEU A 460 -7.99 12.63 18.46
C LEU A 460 -8.10 12.75 16.92
N PRO A 461 -9.09 13.51 16.40
CA PRO A 461 -9.20 13.64 14.93
C PRO A 461 -7.97 14.23 14.29
N VAL A 462 -7.40 15.29 14.88
CA VAL A 462 -6.25 15.91 14.25
C VAL A 462 -5.10 14.91 14.06
N TYR A 463 -4.85 14.09 15.08
CA TYR A 463 -3.78 13.10 15.00
C TYR A 463 -4.12 11.99 14.02
N THR A 464 -5.33 11.42 14.11
CA THR A 464 -5.66 10.30 13.21
C THR A 464 -5.82 10.73 11.76
N ASN A 465 -6.05 12.02 11.54
CA ASN A 465 -6.07 12.52 10.17
C ASN A 465 -4.67 12.60 9.62
N LEU A 466 -3.75 13.10 10.44
CA LEU A 466 -2.35 13.07 10.00
C LEU A 466 -2.04 11.63 9.64
N PHE A 467 -2.24 10.74 10.62
CA PHE A 467 -1.84 9.34 10.50
C PHE A 467 -2.46 8.63 9.33
N ASN A 468 -3.75 8.85 9.10
CA ASN A 468 -4.34 8.19 7.95
C ASN A 468 -3.78 8.70 6.65
N LYS A 469 -3.56 10.01 6.52
CA LYS A 469 -3.09 10.34 5.18
C LYS A 469 -1.57 10.12 5.04
N LEU A 470 -0.85 9.98 6.14
CA LEU A 470 0.53 9.51 6.01
C LEU A 470 0.46 8.12 5.45
N GLY A 471 -0.40 7.26 6.01
CA GLY A 471 -0.53 5.90 5.53
C GLY A 471 -0.76 5.86 4.03
N VAL A 472 -1.61 6.78 3.54
CA VAL A 472 -1.80 6.81 2.09
C VAL A 472 -0.55 7.22 1.29
N ALA A 473 0.09 8.31 1.74
CA ALA A 473 1.39 8.73 1.19
C ALA A 473 2.38 7.54 1.09
N ALA A 474 2.47 6.77 2.18
CA ALA A 474 3.28 5.57 2.27
C ALA A 474 2.88 4.51 1.21
N VAL A 475 1.62 4.51 0.81
CA VAL A 475 1.29 3.58 -0.27
C VAL A 475 1.75 4.16 -1.62
N VAL A 476 1.73 5.49 -1.76
CA VAL A 476 2.34 6.06 -2.96
C VAL A 476 3.80 5.64 -3.03
N CYS A 477 4.54 5.76 -1.92
CA CYS A 477 5.93 5.31 -1.91
C CYS A 477 6.09 3.79 -2.21
N THR A 478 5.16 2.95 -1.76
CA THR A 478 5.23 1.54 -2.18
C THR A 478 5.14 1.49 -3.69
N ILE A 479 4.28 2.33 -4.25
CA ILE A 479 4.10 2.29 -5.71
C ILE A 479 5.34 2.81 -6.45
N ILE A 480 5.91 3.92 -5.97
CA ILE A 480 7.14 4.44 -6.54
C ILE A 480 8.23 3.40 -6.56
N ALA A 481 8.47 2.73 -5.42
CA ALA A 481 9.55 1.73 -5.36
C ALA A 481 9.35 0.60 -6.36
N LEU A 482 8.18 -0.05 -6.31
CA LEU A 482 8.01 -1.16 -7.24
C LEU A 482 8.10 -0.66 -8.69
N ALA A 483 7.70 0.60 -8.91
CA ALA A 483 7.70 1.14 -10.25
C ALA A 483 9.12 1.44 -10.73
N VAL A 484 10.01 1.75 -9.79
CA VAL A 484 11.39 2.07 -10.17
C VAL A 484 12.25 0.83 -10.22
N LEU A 485 11.66 -0.35 -10.02
CA LEU A 485 12.50 -1.55 -10.08
C LEU A 485 12.96 -2.00 -11.49
N PRO A 486 12.21 -1.65 -12.55
CA PRO A 486 12.81 -1.91 -13.88
C PRO A 486 14.08 -1.10 -14.17
N LEU A 487 14.21 0.10 -13.63
CA LEU A 487 15.46 0.83 -13.84
C LEU A 487 16.62 0.13 -13.20
N MET A 488 16.37 -0.49 -12.06
CA MET A 488 17.45 -1.17 -11.36
C MET A 488 17.71 -2.55 -11.95
N ARG A 489 16.83 -3.05 -12.81
CA ARG A 489 17.33 -4.21 -13.53
C ARG A 489 17.81 -3.80 -14.94
N ARG A 490 17.67 -2.53 -15.33
CA ARG A 490 18.40 -2.11 -16.54
C ARG A 490 19.84 -1.70 -16.23
N LEU A 491 20.12 -1.26 -15.00
CA LEU A 491 21.52 -1.02 -14.64
C LEU A 491 22.28 -2.33 -14.66
N THR A 492 21.65 -3.40 -14.18
CA THR A 492 22.24 -4.74 -14.22
C THR A 492 22.02 -5.43 -15.57
N VAL B 8 -6.93 -19.18 -46.04
CA VAL B 8 -6.63 -17.96 -46.79
C VAL B 8 -5.46 -17.27 -46.09
N SER B 9 -5.67 -16.89 -44.84
CA SER B 9 -4.59 -16.44 -43.95
C SER B 9 -4.93 -16.64 -42.49
N LYS B 10 -3.92 -16.42 -41.65
CA LYS B 10 -4.11 -16.49 -40.22
C LYS B 10 -4.58 -15.15 -39.66
N THR B 11 -4.15 -14.07 -40.29
CA THR B 11 -4.64 -12.76 -39.90
C THR B 11 -6.11 -12.50 -40.22
N HIS B 12 -6.64 -13.06 -41.30
CA HIS B 12 -8.05 -12.82 -41.63
C HIS B 12 -9.00 -13.55 -40.74
N SER B 13 -8.58 -14.71 -40.28
CA SER B 13 -9.46 -15.45 -39.42
C SER B 13 -9.23 -15.02 -37.98
N PHE B 14 -8.04 -14.53 -37.69
CA PHE B 14 -7.90 -13.78 -36.47
C PHE B 14 -8.78 -12.53 -36.48
N MET B 15 -8.95 -11.94 -37.67
CA MET B 15 -9.83 -10.80 -37.83
C MET B 15 -11.27 -11.17 -37.59
N THR B 16 -11.78 -12.17 -38.31
CA THR B 16 -13.17 -12.54 -38.18
C THR B 16 -13.52 -12.99 -36.75
N VAL B 17 -12.65 -13.77 -36.12
CA VAL B 17 -12.94 -14.18 -34.75
C VAL B 17 -12.84 -12.98 -33.81
N SER B 18 -11.93 -12.04 -34.09
CA SER B 18 -11.85 -10.87 -33.24
C SER B 18 -13.05 -9.94 -33.45
N LEU B 19 -13.64 -9.94 -34.64
CA LEU B 19 -14.80 -9.09 -34.87
C LEU B 19 -16.04 -9.65 -34.19
N ILE B 20 -16.31 -10.93 -34.40
CA ILE B 20 -17.48 -11.48 -33.72
C ILE B 20 -17.27 -11.41 -32.19
N GLU B 21 -16.04 -11.60 -31.72
CA GLU B 21 -15.75 -11.37 -30.32
C GLU B 21 -16.18 -9.95 -29.91
N LEU B 22 -15.63 -8.97 -30.62
CA LEU B 22 -15.93 -7.56 -30.35
C LEU B 22 -17.43 -7.26 -30.23
N TRP B 23 -18.23 -7.75 -31.16
CA TRP B 23 -19.66 -7.42 -31.11
C TRP B 23 -20.37 -8.15 -29.97
N GLU B 24 -19.91 -9.37 -29.72
CA GLU B 24 -20.40 -10.14 -28.58
C GLU B 24 -20.23 -9.37 -27.25
N ARG B 25 -19.00 -8.89 -27.01
CA ARG B 25 -18.71 -8.12 -25.79
C ARG B 25 -19.41 -6.79 -25.76
N PHE B 26 -19.63 -6.20 -26.95
CA PHE B 26 -20.45 -4.99 -27.05
C PHE B 26 -21.75 -5.27 -26.34
N GLY B 27 -22.46 -6.27 -26.84
CA GLY B 27 -23.72 -6.67 -26.24
C GLY B 27 -23.60 -6.92 -24.74
N TYR B 28 -22.59 -7.69 -24.33
CA TYR B 28 -22.46 -8.06 -22.93
C TYR B 28 -22.30 -6.89 -21.98
N TYR B 29 -21.29 -6.05 -22.19
CA TYR B 29 -21.05 -5.02 -21.20
C TYR B 29 -22.10 -3.89 -21.25
N GLY B 30 -22.61 -3.57 -22.45
CA GLY B 30 -23.74 -2.66 -22.52
C GLY B 30 -24.83 -3.18 -21.58
N MET B 31 -25.09 -4.48 -21.72
CA MET B 31 -26.11 -5.08 -20.87
C MET B 31 -25.72 -4.95 -19.40
N GLN B 32 -24.48 -5.29 -19.02
CA GLN B 32 -24.10 -5.35 -17.58
C GLN B 32 -24.25 -4.00 -16.81
N ALA B 33 -23.75 -2.92 -17.41
CA ALA B 33 -23.90 -1.64 -16.70
C ALA B 33 -25.41 -1.39 -16.44
N LEU B 34 -26.17 -1.59 -17.53
CA LEU B 34 -27.55 -1.27 -17.30
C LEU B 34 -28.20 -2.28 -16.36
N ILE B 35 -27.69 -3.50 -16.25
CA ILE B 35 -28.40 -4.53 -15.50
C ILE B 35 -28.45 -4.19 -14.02
N VAL B 36 -27.34 -3.74 -13.41
CA VAL B 36 -27.58 -3.36 -11.99
C VAL B 36 -28.47 -2.12 -11.86
N TYR B 37 -28.19 -1.08 -12.66
CA TYR B 37 -29.10 0.06 -12.46
C TYR B 37 -30.58 -0.32 -12.71
N PHE B 38 -30.81 -1.36 -13.49
CA PHE B 38 -32.15 -1.84 -13.82
C PHE B 38 -32.78 -2.52 -12.65
N MET B 39 -32.03 -3.46 -12.08
CA MET B 39 -32.54 -4.20 -10.95
C MET B 39 -32.94 -3.22 -9.88
N VAL B 40 -32.24 -2.09 -9.74
CA VAL B 40 -32.67 -1.14 -8.69
C VAL B 40 -33.77 -0.12 -9.12
N GLN B 41 -33.59 0.51 -10.27
CA GLN B 41 -34.39 1.67 -10.67
C GLN B 41 -35.67 1.35 -11.39
N ARG B 42 -35.69 0.28 -12.19
CA ARG B 42 -36.91 -0.04 -12.94
C ARG B 42 -37.67 -1.19 -12.26
N LEU B 43 -36.92 -2.25 -11.96
CA LEU B 43 -37.38 -3.28 -11.02
C LEU B 43 -37.28 -2.60 -9.70
N GLY B 44 -37.94 -3.12 -8.67
CA GLY B 44 -37.93 -2.40 -7.41
C GLY B 44 -36.86 -2.77 -6.40
N PHE B 45 -35.94 -3.65 -6.79
CA PHE B 45 -35.00 -4.31 -5.86
C PHE B 45 -34.24 -3.33 -4.98
N ASP B 46 -34.11 -3.64 -3.69
CA ASP B 46 -33.16 -2.92 -2.81
C ASP B 46 -31.74 -3.23 -3.26
N ASP B 47 -30.77 -2.45 -2.82
CA ASP B 47 -29.47 -2.62 -3.44
C ASP B 47 -28.70 -3.86 -2.96
N SER B 48 -29.05 -4.45 -1.82
CA SER B 48 -28.26 -5.60 -1.37
C SER B 48 -28.77 -6.90 -2.05
N ARG B 49 -30.06 -6.94 -2.40
CA ARG B 49 -30.49 -7.96 -3.34
C ARG B 49 -29.89 -7.71 -4.71
N ALA B 50 -29.95 -6.48 -5.19
CA ALA B 50 -29.42 -6.15 -6.50
C ALA B 50 -27.97 -6.66 -6.66
N ASN B 51 -27.11 -6.29 -5.71
CA ASN B 51 -25.74 -6.78 -5.68
C ASN B 51 -25.73 -8.30 -5.65
N LEU B 52 -26.49 -8.90 -4.74
CA LEU B 52 -26.42 -10.35 -4.59
C LEU B 52 -26.84 -11.12 -5.85
N VAL B 53 -27.90 -10.67 -6.49
CA VAL B 53 -28.39 -11.31 -7.68
C VAL B 53 -27.43 -11.11 -8.80
N TRP B 54 -26.98 -9.88 -8.96
CA TRP B 54 -26.02 -9.62 -10.01
C TRP B 54 -24.73 -10.44 -9.83
N SER B 55 -24.29 -10.59 -8.59
CA SER B 55 -23.03 -11.29 -8.32
C SER B 55 -23.20 -12.78 -8.51
N ALA B 56 -24.38 -13.27 -8.19
CA ALA B 56 -24.65 -14.68 -8.36
C ALA B 56 -24.65 -15.00 -9.85
N CYS B 57 -25.39 -14.19 -10.61
CA CYS B 57 -25.38 -14.31 -12.08
C CYS B 57 -23.97 -14.09 -12.67
N ALA B 58 -23.17 -13.26 -12.01
CA ALA B 58 -21.79 -13.01 -12.40
C ALA B 58 -20.95 -14.29 -12.24
N ALA B 59 -20.94 -14.85 -11.03
CA ALA B 59 -20.23 -16.10 -10.74
C ALA B 59 -20.66 -17.23 -11.69
N LEU B 60 -21.95 -17.32 -11.95
CA LEU B 60 -22.47 -18.30 -12.88
C LEU B 60 -21.81 -18.06 -14.22
N ILE B 61 -21.84 -16.80 -14.67
CA ILE B 61 -21.27 -16.44 -15.97
C ILE B 61 -19.77 -16.74 -16.06
N TYR B 62 -19.04 -16.44 -14.99
CA TYR B 62 -17.60 -16.57 -15.03
C TYR B 62 -17.23 -18.05 -14.99
N VAL B 63 -18.07 -18.86 -14.34
CA VAL B 63 -17.72 -20.27 -14.17
C VAL B 63 -18.35 -21.16 -15.26
N SER B 64 -19.16 -20.53 -16.10
CA SER B 64 -19.82 -21.13 -17.26
C SER B 64 -18.93 -21.73 -18.40
N PRO B 65 -17.89 -20.97 -18.84
CA PRO B 65 -17.09 -21.43 -19.99
C PRO B 65 -16.31 -22.71 -19.77
N ALA B 66 -16.26 -23.21 -18.55
CA ALA B 66 -15.66 -24.52 -18.32
C ALA B 66 -16.40 -25.57 -19.15
N ILE B 67 -17.68 -25.75 -18.81
CA ILE B 67 -18.48 -26.77 -19.47
C ILE B 67 -18.60 -26.40 -20.93
N GLY B 68 -18.86 -25.11 -21.19
CA GLY B 68 -19.10 -24.72 -22.59
C GLY B 68 -17.92 -25.06 -23.51
N GLY B 69 -16.73 -24.88 -22.97
CA GLY B 69 -15.51 -25.23 -23.67
C GLY B 69 -15.38 -26.72 -23.91
N TRP B 70 -15.71 -27.53 -22.91
CA TRP B 70 -15.59 -28.97 -23.11
C TRP B 70 -16.58 -29.45 -24.17
N VAL B 71 -17.77 -28.84 -24.16
CA VAL B 71 -18.79 -29.13 -25.17
C VAL B 71 -18.30 -28.73 -26.56
N GLY B 72 -17.61 -27.59 -26.67
CA GLY B 72 -17.13 -27.12 -27.96
C GLY B 72 -16.00 -27.94 -28.54
N ASP B 73 -15.04 -28.28 -27.68
CA ASP B 73 -13.86 -29.03 -28.08
C ASP B 73 -14.20 -30.44 -28.50
N LYS B 74 -15.01 -31.12 -27.69
CA LYS B 74 -15.10 -32.55 -27.91
C LYS B 74 -16.52 -33.12 -28.23
N ILE B 75 -17.55 -32.27 -28.30
CA ILE B 75 -18.91 -32.81 -28.54
C ILE B 75 -19.59 -32.22 -29.79
N LEU B 76 -19.88 -30.92 -29.81
CA LEU B 76 -20.22 -30.27 -31.08
C LEU B 76 -18.88 -29.74 -31.64
N GLY B 77 -18.90 -28.90 -32.66
CA GLY B 77 -17.66 -28.33 -33.18
C GLY B 77 -17.23 -27.16 -32.30
N THR B 78 -15.98 -26.71 -32.41
CA THR B 78 -15.61 -25.51 -31.64
C THR B 78 -16.34 -24.33 -32.26
N LYS B 79 -16.31 -24.24 -33.59
CA LYS B 79 -17.09 -23.25 -34.31
C LYS B 79 -18.59 -23.37 -34.08
N ARG B 80 -19.15 -24.57 -34.19
CA ARG B 80 -20.60 -24.70 -34.07
C ARG B 80 -21.04 -24.40 -32.64
N THR B 81 -20.23 -24.79 -31.65
CA THR B 81 -20.58 -24.44 -30.28
C THR B 81 -20.53 -22.92 -30.13
N MET B 82 -19.46 -22.29 -30.59
CA MET B 82 -19.34 -20.82 -30.53
C MET B 82 -20.56 -20.13 -31.17
N LEU B 83 -21.00 -20.64 -32.31
CA LEU B 83 -22.18 -20.11 -32.95
C LEU B 83 -23.45 -20.30 -32.11
N LEU B 84 -23.63 -21.52 -31.61
CA LEU B 84 -24.79 -21.86 -30.78
C LEU B 84 -24.86 -20.94 -29.55
N GLY B 85 -23.69 -20.64 -28.99
CA GLY B 85 -23.60 -19.61 -27.98
C GLY B 85 -24.13 -18.30 -28.54
N ALA B 86 -23.63 -17.87 -29.71
CA ALA B 86 -24.08 -16.59 -30.28
C ALA B 86 -25.59 -16.50 -30.44
N GLY B 87 -26.22 -17.54 -30.99
CA GLY B 87 -27.65 -17.59 -31.11
C GLY B 87 -28.33 -17.52 -29.74
N ILE B 88 -27.83 -18.32 -28.83
CA ILE B 88 -28.44 -18.36 -27.51
C ILE B 88 -28.41 -16.98 -26.83
N LEU B 89 -27.32 -16.21 -26.96
CA LEU B 89 -27.39 -14.90 -26.32
C LEU B 89 -28.11 -13.84 -27.14
N SER B 90 -28.23 -14.04 -28.45
CA SER B 90 -29.12 -13.15 -29.21
C SER B 90 -30.49 -13.31 -28.57
N VAL B 91 -30.87 -14.54 -28.25
CA VAL B 91 -32.15 -14.83 -27.56
C VAL B 91 -32.22 -14.31 -26.09
N GLY B 92 -31.11 -14.37 -25.34
CA GLY B 92 -31.05 -13.78 -24.01
C GLY B 92 -31.40 -12.29 -24.03
N TYR B 93 -30.69 -11.53 -24.84
CA TYR B 93 -30.95 -10.09 -24.93
C TYR B 93 -32.35 -9.84 -25.51
N ALA B 94 -32.72 -10.68 -26.46
CA ALA B 94 -34.05 -10.64 -27.01
C ALA B 94 -35.06 -10.63 -25.87
N LEU B 95 -34.95 -11.58 -24.96
CA LEU B 95 -35.80 -11.65 -23.76
C LEU B 95 -35.81 -10.37 -22.94
N MET B 96 -34.59 -9.94 -22.59
CA MET B 96 -34.38 -8.72 -21.82
C MET B 96 -35.09 -7.54 -22.49
N THR B 97 -35.40 -7.70 -23.77
CA THR B 97 -36.08 -6.67 -24.51
C THR B 97 -37.60 -6.68 -24.34
N VAL B 98 -38.22 -7.78 -23.91
CA VAL B 98 -39.69 -7.66 -23.78
C VAL B 98 -40.18 -6.89 -22.53
N PRO B 99 -41.08 -5.95 -22.75
CA PRO B 99 -41.41 -5.01 -21.67
C PRO B 99 -42.27 -5.63 -20.59
N THR B 100 -41.68 -6.38 -19.67
CA THR B 100 -42.45 -6.88 -18.53
C THR B 100 -41.67 -6.64 -17.28
N GLU B 101 -42.36 -6.21 -16.22
CA GLU B 101 -41.73 -5.99 -14.92
C GLU B 101 -41.76 -7.24 -14.03
N ASN B 102 -41.76 -8.42 -14.66
CA ASN B 102 -41.78 -9.66 -13.90
C ASN B 102 -40.38 -10.27 -13.79
N THR B 103 -39.90 -10.40 -12.55
CA THR B 103 -38.54 -10.87 -12.29
C THR B 103 -38.20 -12.25 -12.88
N TRP B 104 -39.13 -13.22 -12.86
CA TRP B 104 -38.84 -14.56 -13.40
C TRP B 104 -38.50 -14.54 -14.88
N PHE B 105 -39.10 -13.58 -15.56
CA PHE B 105 -38.76 -13.29 -16.93
C PHE B 105 -37.31 -12.77 -17.06
N MET B 106 -36.96 -11.71 -16.31
CA MET B 106 -35.60 -11.20 -16.37
C MET B 106 -34.59 -12.28 -16.00
N PHE B 107 -34.84 -12.92 -14.86
CA PHE B 107 -34.07 -14.04 -14.35
C PHE B 107 -33.89 -15.19 -15.33
N SER B 108 -34.93 -15.50 -16.09
CA SER B 108 -34.73 -16.43 -17.19
C SER B 108 -33.78 -15.84 -18.19
N ALA B 109 -34.03 -14.61 -18.63
CA ALA B 109 -33.16 -13.94 -19.61
C ALA B 109 -31.68 -14.03 -19.22
N LEU B 110 -31.38 -13.68 -17.97
CA LEU B 110 -30.05 -13.85 -17.39
C LEU B 110 -29.59 -15.31 -17.39
N GLY B 111 -30.51 -16.22 -17.12
CA GLY B 111 -30.15 -17.62 -17.22
C GLY B 111 -29.65 -17.98 -18.62
N VAL B 112 -30.42 -17.61 -19.64
CA VAL B 112 -30.01 -17.83 -21.03
C VAL B 112 -28.67 -17.19 -21.36
N ILE B 113 -28.45 -15.98 -20.85
CA ILE B 113 -27.14 -15.40 -21.10
C ILE B 113 -26.05 -16.22 -20.44
N VAL B 114 -26.26 -16.70 -19.23
CA VAL B 114 -25.26 -17.59 -18.65
C VAL B 114 -24.94 -18.79 -19.57
N VAL B 115 -25.97 -19.54 -19.95
CA VAL B 115 -25.79 -20.73 -20.83
C VAL B 115 -25.07 -20.34 -22.13
N GLY B 116 -25.69 -19.42 -22.87
CA GLY B 116 -25.15 -18.95 -24.13
C GLY B 116 -23.73 -18.41 -24.10
N ASN B 117 -23.39 -17.76 -23.00
CA ASN B 117 -22.03 -17.27 -22.84
C ASN B 117 -20.99 -18.38 -22.61
N GLY B 118 -21.32 -19.33 -21.73
CA GLY B 118 -20.48 -20.50 -21.58
C GLY B 118 -20.23 -21.22 -22.89
N LEU B 119 -21.22 -21.19 -23.77
CA LEU B 119 -21.06 -21.79 -25.11
C LEU B 119 -20.24 -20.93 -26.08
N PHE B 120 -20.32 -19.61 -25.94
CA PHE B 120 -19.63 -18.77 -26.89
C PHE B 120 -18.18 -18.61 -26.56
N LYS B 121 -17.86 -18.03 -25.41
CA LYS B 121 -16.53 -17.41 -25.34
C LYS B 121 -15.30 -18.34 -25.20
N PRO B 122 -15.40 -19.50 -24.49
CA PRO B 122 -14.20 -20.35 -24.48
C PRO B 122 -13.86 -20.84 -25.87
N ASN B 123 -14.86 -20.89 -26.73
CA ASN B 123 -14.69 -21.38 -28.07
C ASN B 123 -14.18 -20.29 -29.03
N ALA B 124 -14.62 -19.04 -28.86
CA ALA B 124 -14.01 -17.97 -29.67
C ALA B 124 -12.54 -17.79 -29.32
N GLY B 125 -12.24 -17.88 -28.02
CA GLY B 125 -10.86 -17.76 -27.58
C GLY B 125 -10.07 -18.94 -28.10
N ASN B 126 -10.69 -20.11 -27.99
CA ASN B 126 -10.08 -21.30 -28.54
C ASN B 126 -9.80 -21.16 -30.02
N LEU B 127 -10.64 -20.45 -30.78
CA LEU B 127 -10.33 -20.34 -32.19
C LEU B 127 -9.18 -19.41 -32.49
N VAL B 128 -9.04 -18.28 -31.79
CA VAL B 128 -7.79 -17.52 -31.93
C VAL B 128 -6.56 -18.42 -31.70
N ARG B 129 -6.72 -19.23 -30.64
CA ARG B 129 -5.66 -20.09 -30.17
C ARG B 129 -5.34 -21.16 -31.22
N LYS B 130 -6.33 -21.60 -31.98
CA LYS B 130 -6.06 -22.54 -33.06
C LYS B 130 -5.52 -21.84 -34.32
N ILE B 131 -5.88 -20.58 -34.50
CA ILE B 131 -5.48 -19.80 -35.68
C ILE B 131 -4.00 -19.53 -35.64
N TYR B 132 -3.42 -19.56 -34.45
CA TYR B 132 -1.98 -19.30 -34.39
C TYR B 132 -1.15 -20.39 -33.72
N GLU B 133 -1.57 -21.65 -33.86
CA GLU B 133 -0.66 -22.81 -33.78
C GLU B 133 -0.30 -23.25 -32.37
N SER B 137 3.58 -18.76 -28.62
CA SER B 137 4.16 -18.16 -29.81
C SER B 137 3.57 -16.76 -30.02
N LYS B 138 3.15 -16.45 -31.25
CA LYS B 138 2.47 -15.20 -31.59
C LYS B 138 1.04 -15.06 -31.03
N ILE B 139 0.49 -16.17 -30.53
CA ILE B 139 -0.86 -16.16 -29.97
C ILE B 139 -1.05 -15.13 -28.87
N ASP B 140 0.03 -14.77 -28.19
CA ASP B 140 -0.09 -13.87 -27.06
C ASP B 140 -0.30 -12.48 -27.60
N SER B 141 0.53 -12.13 -28.57
CA SER B 141 0.32 -10.89 -29.32
C SER B 141 -1.10 -10.94 -29.89
N ALA B 142 -1.45 -12.08 -30.49
CA ALA B 142 -2.78 -12.23 -31.06
C ALA B 142 -3.77 -11.91 -29.97
N PHE B 143 -3.62 -12.59 -28.83
CA PHE B 143 -4.57 -12.41 -27.75
C PHE B 143 -4.65 -10.97 -27.27
N THR B 144 -3.51 -10.27 -27.21
CA THR B 144 -3.56 -8.90 -26.74
C THR B 144 -4.34 -8.06 -27.72
N ILE B 145 -4.07 -8.27 -29.02
CA ILE B 145 -4.85 -7.61 -30.05
C ILE B 145 -6.31 -7.95 -29.83
N TYR B 146 -6.56 -9.25 -29.68
CA TYR B 146 -7.87 -9.76 -29.35
C TYR B 146 -8.48 -8.99 -28.17
N TYR B 147 -7.71 -8.93 -27.08
CA TYR B 147 -8.09 -8.19 -25.87
C TYR B 147 -8.52 -6.77 -26.16
N MET B 148 -7.77 -6.08 -27.01
CA MET B 148 -8.11 -4.70 -27.33
C MET B 148 -9.43 -4.61 -28.11
N ALA B 149 -9.68 -5.57 -29.00
CA ALA B 149 -10.97 -5.60 -29.70
C ALA B 149 -12.09 -5.57 -28.66
N VAL B 150 -11.95 -6.41 -27.63
CA VAL B 150 -12.90 -6.44 -26.52
C VAL B 150 -13.18 -5.05 -25.98
N ASN B 151 -12.11 -4.41 -25.52
CA ASN B 151 -12.21 -3.14 -24.88
C ASN B 151 -12.87 -2.13 -25.80
N VAL B 152 -12.48 -2.09 -27.08
CA VAL B 152 -13.11 -1.10 -27.93
C VAL B 152 -14.60 -1.35 -28.02
N GLY B 153 -14.99 -2.58 -28.33
CA GLY B 153 -16.40 -2.88 -28.44
C GLY B 153 -17.10 -2.43 -27.18
N SER B 154 -16.57 -2.84 -26.03
CA SER B 154 -17.29 -2.61 -24.79
C SER B 154 -17.28 -1.11 -24.45
N THR B 155 -16.21 -0.39 -24.83
CA THR B 155 -16.26 1.04 -24.60
C THR B 155 -17.48 1.61 -25.29
N PHE B 156 -17.60 1.33 -26.58
CA PHE B 156 -18.70 1.91 -27.32
C PHE B 156 -19.98 1.41 -26.68
N SER B 157 -20.03 0.15 -26.27
CA SER B 157 -21.33 -0.35 -25.84
C SER B 157 -21.73 0.41 -24.62
N MET B 158 -20.79 0.54 -23.70
CA MET B 158 -21.14 1.12 -22.43
C MET B 158 -21.41 2.61 -22.63
N LEU B 159 -20.61 3.26 -23.47
CA LEU B 159 -20.86 4.69 -23.74
C LEU B 159 -22.26 4.87 -24.32
N LEU B 160 -22.65 3.88 -25.13
CA LEU B 160 -23.92 3.94 -25.84
C LEU B 160 -25.12 3.54 -24.99
N THR B 161 -25.10 2.33 -24.42
CA THR B 161 -26.43 1.78 -24.02
C THR B 161 -27.25 2.58 -23.00
N PRO B 162 -26.58 3.18 -21.99
CA PRO B 162 -27.34 3.89 -20.98
C PRO B 162 -28.04 5.06 -21.58
N TRP B 163 -27.39 5.75 -22.50
CA TRP B 163 -28.07 6.93 -23.01
C TRP B 163 -29.22 6.56 -23.97
N ILE B 164 -29.15 5.41 -24.66
CA ILE B 164 -30.33 4.96 -25.38
C ILE B 164 -31.45 4.83 -24.37
N LYS B 165 -31.18 4.21 -23.22
CA LYS B 165 -32.24 4.05 -22.24
C LYS B 165 -32.65 5.46 -21.80
N ASP B 166 -31.66 6.32 -21.53
CA ASP B 166 -31.97 7.65 -21.07
C ASP B 166 -32.82 8.29 -22.15
N TYR B 167 -32.32 8.24 -23.38
CA TYR B 167 -32.97 8.97 -24.46
C TYR B 167 -34.39 8.45 -24.60
N VAL B 168 -34.53 7.13 -24.61
CA VAL B 168 -35.85 6.56 -24.85
C VAL B 168 -36.74 6.78 -23.63
N ASN B 169 -36.18 6.69 -22.43
CA ASN B 169 -37.00 6.92 -21.24
C ASN B 169 -37.44 8.36 -21.20
N ALA B 170 -36.84 9.17 -22.06
CA ALA B 170 -37.18 10.57 -22.12
C ALA B 170 -38.28 10.78 -23.17
N GLN B 171 -38.19 10.07 -24.29
CA GLN B 171 -39.17 10.27 -25.36
C GLN B 171 -40.43 9.41 -25.14
N TYR B 172 -40.32 8.39 -24.30
CA TYR B 172 -41.44 7.51 -23.95
C TYR B 172 -41.36 7.16 -22.46
N GLY B 173 -42.44 6.62 -21.90
CA GLY B 173 -42.54 6.48 -20.46
C GLY B 173 -42.10 5.17 -19.84
N ASN B 174 -40.86 5.13 -19.35
CA ASN B 174 -40.34 4.04 -18.51
C ASN B 174 -40.15 2.69 -19.20
N GLU B 175 -41.08 2.31 -20.08
CA GLU B 175 -40.92 1.10 -20.89
C GLU B 175 -41.21 1.40 -22.37
N PHE B 176 -40.22 1.20 -23.24
CA PHE B 176 -38.97 0.48 -22.90
C PHE B 176 -37.94 1.30 -22.12
N GLY B 177 -37.20 2.15 -22.82
CA GLY B 177 -36.05 2.80 -22.20
C GLY B 177 -35.02 1.74 -21.96
N TRP B 178 -35.13 1.01 -20.85
CA TRP B 178 -34.21 -0.09 -20.50
C TRP B 178 -34.20 -1.18 -21.58
N HIS B 179 -35.41 -1.59 -21.92
CA HIS B 179 -35.62 -2.63 -22.91
C HIS B 179 -35.13 -2.21 -24.31
N ALA B 180 -35.23 -0.92 -24.63
CA ALA B 180 -34.60 -0.40 -25.84
C ALA B 180 -33.11 -0.73 -25.83
N ALA B 181 -32.44 -0.42 -24.72
CA ALA B 181 -31.02 -0.67 -24.53
C ALA B 181 -30.67 -2.16 -24.69
N PHE B 182 -31.42 -3.01 -24.01
CA PHE B 182 -31.23 -4.45 -24.15
C PHE B 182 -31.44 -4.92 -25.59
N ALA B 183 -32.34 -4.23 -26.32
CA ALA B 183 -32.51 -4.49 -27.76
C ALA B 183 -31.27 -4.08 -28.56
N VAL B 184 -30.66 -2.95 -28.18
CA VAL B 184 -29.38 -2.55 -28.76
C VAL B 184 -28.37 -3.67 -28.62
N CYS B 185 -28.28 -4.23 -27.40
CA CYS B 185 -27.39 -5.38 -27.14
C CYS B 185 -27.69 -6.52 -28.10
N CYS B 186 -28.98 -6.86 -28.16
CA CYS B 186 -29.41 -7.93 -29.03
C CYS B 186 -28.96 -7.77 -30.47
N VAL B 187 -29.21 -6.61 -31.06
CA VAL B 187 -28.80 -6.38 -32.44
C VAL B 187 -27.28 -6.21 -32.56
N GLY B 188 -26.59 -6.01 -31.43
CA GLY B 188 -25.14 -6.07 -31.42
C GLY B 188 -24.69 -7.50 -31.67
N ILE B 189 -25.33 -8.42 -30.96
CA ILE B 189 -25.07 -9.84 -31.14
C ILE B 189 -25.41 -10.24 -32.58
N LEU B 190 -26.61 -9.88 -33.02
CA LEU B 190 -27.05 -10.14 -34.39
C LEU B 190 -26.03 -9.60 -35.43
N VAL B 191 -25.54 -8.38 -35.21
CA VAL B 191 -24.53 -7.79 -36.08
C VAL B 191 -23.31 -8.68 -36.16
N GLY B 192 -22.81 -9.06 -34.99
CA GLY B 192 -21.66 -9.93 -34.89
C GLY B 192 -21.91 -11.23 -35.63
N LEU B 193 -23.17 -11.68 -35.64
CA LEU B 193 -23.52 -12.89 -36.37
C LEU B 193 -23.48 -12.77 -37.89
N GLY B 194 -24.06 -11.70 -38.45
CA GLY B 194 -23.99 -11.52 -39.90
C GLY B 194 -22.54 -11.44 -40.33
N ASN B 195 -21.80 -10.67 -39.51
CA ASN B 195 -20.36 -10.55 -39.63
C ASN B 195 -19.77 -11.93 -39.76
N TYR B 196 -20.07 -12.77 -38.76
CA TYR B 196 -19.55 -14.11 -38.80
C TYR B 196 -19.93 -14.88 -40.02
N ALA B 197 -21.16 -14.81 -40.52
CA ALA B 197 -21.53 -15.66 -41.66
C ALA B 197 -20.61 -15.37 -42.85
N LEU B 198 -20.77 -14.13 -43.32
CA LEU B 198 -19.98 -13.66 -44.43
C LEU B 198 -18.51 -14.15 -44.29
N MET B 199 -17.89 -13.64 -43.24
CA MET B 199 -16.55 -14.10 -43.01
C MET B 199 -16.47 -15.60 -42.58
N HIS B 200 -17.60 -16.34 -42.55
CA HIS B 200 -17.73 -17.66 -41.82
C HIS B 200 -16.77 -18.50 -42.51
N LYS B 201 -17.12 -18.64 -43.77
CA LYS B 201 -16.29 -19.53 -44.53
C LYS B 201 -15.17 -18.67 -45.02
N SER B 202 -15.46 -17.38 -45.27
CA SER B 202 -14.37 -16.51 -45.75
C SER B 202 -13.04 -16.82 -45.04
N LEU B 203 -13.00 -16.57 -43.73
CA LEU B 203 -11.83 -16.87 -42.92
C LEU B 203 -11.81 -18.18 -42.11
N ALA B 204 -12.82 -18.42 -41.26
CA ALA B 204 -12.71 -19.47 -40.21
C ALA B 204 -12.26 -20.87 -40.68
N ASN B 205 -12.77 -21.33 -41.82
CA ASN B 205 -12.30 -22.57 -42.48
C ASN B 205 -11.75 -23.70 -41.60
N TYR B 206 -10.44 -23.68 -41.35
CA TYR B 206 -9.80 -24.69 -40.49
C TYR B 206 -9.62 -24.24 -39.02
N GLY B 207 -10.26 -24.97 -38.10
CA GLY B 207 -10.22 -24.73 -36.66
C GLY B 207 -11.39 -25.49 -36.03
N SER B 208 -11.14 -26.14 -34.87
CA SER B 208 -12.05 -27.01 -34.05
C SER B 208 -11.52 -28.45 -33.97
N GLU B 209 -12.40 -29.42 -33.68
CA GLU B 209 -11.99 -30.83 -33.70
C GLU B 209 -13.17 -31.75 -34.08
N PRO B 210 -14.28 -31.65 -33.34
CA PRO B 210 -15.43 -32.49 -33.68
C PRO B 210 -16.34 -31.77 -34.68
N ASP B 211 -15.79 -30.76 -35.35
CA ASP B 211 -16.54 -30.00 -36.35
C ASP B 211 -16.15 -30.53 -37.71
N THR B 212 -15.22 -31.48 -37.72
CA THR B 212 -14.68 -32.06 -38.94
C THR B 212 -15.64 -33.10 -39.50
N ARG B 213 -16.56 -33.55 -38.66
CA ARG B 213 -17.60 -34.51 -39.03
C ARG B 213 -18.98 -33.87 -38.81
N PRO B 214 -20.02 -34.39 -39.49
CA PRO B 214 -21.33 -33.70 -39.46
C PRO B 214 -22.00 -33.74 -38.08
N VAL B 215 -22.81 -32.74 -37.72
CA VAL B 215 -23.27 -32.57 -36.32
C VAL B 215 -24.12 -33.70 -35.76
N ASN B 216 -23.64 -34.33 -34.68
CA ASN B 216 -24.34 -35.47 -34.11
C ASN B 216 -25.63 -35.00 -33.45
N LYS B 217 -26.73 -35.14 -34.18
CA LYS B 217 -27.98 -34.55 -33.77
C LYS B 217 -28.49 -35.12 -32.45
N LYS B 218 -28.03 -36.30 -32.03
CA LYS B 218 -28.40 -36.67 -30.66
C LYS B 218 -27.63 -35.78 -29.70
N SER B 219 -26.33 -35.58 -29.93
CA SER B 219 -25.56 -34.73 -29.02
C SER B 219 -25.99 -33.29 -29.12
N LEU B 220 -26.53 -32.89 -30.27
CA LEU B 220 -27.07 -31.54 -30.41
C LEU B 220 -28.31 -31.42 -29.55
N ALA B 221 -29.15 -32.46 -29.64
CA ALA B 221 -30.39 -32.49 -28.92
C ALA B 221 -30.12 -32.41 -27.45
N ILE B 222 -29.38 -33.40 -26.96
CA ILE B 222 -29.07 -33.53 -25.55
C ILE B 222 -28.32 -32.27 -25.04
N VAL B 223 -27.45 -31.66 -25.87
CA VAL B 223 -26.81 -30.41 -25.46
C VAL B 223 -27.81 -29.25 -25.33
N LEU B 224 -28.77 -29.17 -26.25
CA LEU B 224 -29.86 -28.19 -26.14
C LEU B 224 -30.74 -28.39 -24.89
N ALA B 225 -31.20 -29.64 -24.69
CA ALA B 225 -32.03 -29.97 -23.55
C ALA B 225 -31.35 -29.59 -22.26
N LEU B 226 -30.11 -30.06 -22.12
CA LEU B 226 -29.33 -29.72 -20.92
C LEU B 226 -29.11 -28.19 -20.80
N ALA B 227 -29.11 -27.48 -21.95
CA ALA B 227 -28.96 -26.03 -21.93
C ALA B 227 -30.17 -25.34 -21.31
N ALA B 228 -31.35 -25.69 -21.81
CA ALA B 228 -32.58 -25.13 -21.25
C ALA B 228 -32.65 -25.43 -19.76
N LEU B 229 -32.30 -26.67 -19.40
CA LEU B 229 -32.25 -27.03 -17.99
C LEU B 229 -31.33 -26.08 -17.20
N SER B 230 -30.18 -25.77 -17.78
CA SER B 230 -29.22 -24.89 -17.12
C SER B 230 -29.79 -23.50 -16.95
N VAL B 231 -30.64 -23.10 -17.90
CA VAL B 231 -31.32 -21.82 -17.82
C VAL B 231 -32.27 -21.82 -16.61
N VAL B 232 -33.00 -22.90 -16.44
CA VAL B 232 -33.91 -22.99 -15.29
C VAL B 232 -33.15 -23.00 -13.98
N ALA B 233 -32.09 -23.80 -13.93
CA ALA B 233 -31.22 -23.88 -12.78
C ALA B 233 -30.60 -22.51 -12.42
N SER B 234 -30.10 -21.83 -13.43
CA SER B 234 -29.61 -20.48 -13.27
C SER B 234 -30.68 -19.62 -12.64
N ALA B 235 -31.82 -19.54 -13.32
CA ALA B 235 -32.94 -18.70 -12.88
C ALA B 235 -33.36 -18.96 -11.41
N ILE B 236 -33.29 -20.21 -10.95
CA ILE B 236 -33.63 -20.52 -9.57
C ILE B 236 -32.46 -20.15 -8.62
N ILE B 237 -31.25 -20.13 -9.15
CA ILE B 237 -30.13 -19.59 -8.38
C ILE B 237 -30.25 -18.06 -8.16
N LEU B 238 -30.64 -17.35 -9.21
CA LEU B 238 -30.77 -15.89 -9.16
C LEU B 238 -31.94 -15.46 -8.30
N GLU B 239 -33.12 -16.04 -8.59
CA GLU B 239 -34.35 -15.63 -7.91
C GLU B 239 -34.16 -15.72 -6.40
N TYR B 240 -33.86 -16.93 -5.92
CA TYR B 240 -33.69 -17.22 -4.50
C TYR B 240 -32.29 -17.02 -3.96
N GLU B 241 -32.10 -15.94 -3.20
CA GLU B 241 -30.80 -15.53 -2.66
C GLU B 241 -30.22 -16.61 -1.80
N ASP B 242 -31.07 -17.30 -1.07
CA ASP B 242 -30.53 -18.22 -0.11
C ASP B 242 -29.99 -19.46 -0.80
N VAL B 243 -30.73 -19.92 -1.83
CA VAL B 243 -30.25 -20.97 -2.73
C VAL B 243 -28.87 -20.69 -3.35
N ALA B 244 -28.75 -19.53 -3.98
CA ALA B 244 -27.49 -19.08 -4.56
C ALA B 244 -26.40 -19.07 -3.51
N ARG B 245 -26.72 -18.57 -2.32
CA ARG B 245 -25.69 -18.45 -1.28
C ARG B 245 -25.19 -19.83 -0.88
N VAL B 246 -26.12 -20.77 -0.74
CA VAL B 246 -25.76 -22.17 -0.47
C VAL B 246 -24.91 -22.78 -1.57
N PHE B 247 -25.27 -22.54 -2.82
CA PHE B 247 -24.58 -23.12 -3.95
C PHE B 247 -23.16 -22.55 -4.07
N VAL B 248 -23.01 -21.25 -3.82
CA VAL B 248 -21.69 -20.61 -3.73
C VAL B 248 -20.84 -21.22 -2.63
N TYR B 249 -21.45 -21.37 -1.46
CA TYR B 249 -20.78 -21.94 -0.29
C TYR B 249 -20.33 -23.37 -0.56
N ALA B 250 -21.20 -24.16 -1.20
CA ALA B 250 -20.86 -25.53 -1.57
C ALA B 250 -19.63 -25.50 -2.45
N ALA B 251 -19.67 -24.69 -3.50
CA ALA B 251 -18.51 -24.50 -4.37
C ALA B 251 -17.25 -24.15 -3.56
N GLY B 252 -17.46 -23.45 -2.44
CA GLY B 252 -16.37 -23.06 -1.55
C GLY B 252 -15.75 -24.23 -0.82
N VAL B 253 -16.59 -25.00 -0.13
CA VAL B 253 -16.09 -26.19 0.55
C VAL B 253 -15.49 -27.17 -0.46
N ALA B 254 -15.96 -27.11 -1.70
CA ALA B 254 -15.41 -27.89 -2.82
C ALA B 254 -13.96 -27.49 -3.17
N VAL B 255 -13.73 -26.20 -3.40
CA VAL B 255 -12.37 -25.78 -3.75
C VAL B 255 -11.46 -25.99 -2.55
N LEU B 256 -11.98 -25.81 -1.33
CA LEU B 256 -11.17 -26.10 -0.13
C LEU B 256 -10.85 -27.59 -0.04
N GLY B 257 -11.76 -28.42 -0.52
CA GLY B 257 -11.47 -29.84 -0.59
C GLY B 257 -10.27 -30.05 -1.49
N ILE B 258 -10.44 -29.72 -2.78
CA ILE B 258 -9.40 -29.93 -3.79
C ILE B 258 -8.05 -29.44 -3.31
N PHE B 259 -8.02 -28.24 -2.71
CA PHE B 259 -6.77 -27.70 -2.18
C PHE B 259 -6.23 -28.47 -0.98
N PHE B 260 -7.08 -28.73 0.02
CA PHE B 260 -6.62 -29.34 1.26
C PHE B 260 -6.31 -30.84 1.12
N HIS B 261 -6.56 -31.42 -0.05
CA HIS B 261 -6.00 -32.76 -0.26
C HIS B 261 -4.94 -32.79 -1.36
N LEU B 262 -4.92 -31.80 -2.24
CA LEU B 262 -3.72 -31.51 -3.03
C LEU B 262 -2.63 -30.88 -2.14
N GLU B 270 7.21 -30.57 -2.82
CA GLU B 270 5.98 -30.18 -3.50
C GLU B 270 5.24 -29.09 -2.74
N ARG B 271 5.42 -29.06 -1.43
CA ARG B 271 4.68 -28.15 -0.54
C ARG B 271 4.93 -26.65 -0.82
N ALA B 272 6.17 -26.27 -1.15
CA ALA B 272 6.50 -24.85 -1.31
C ALA B 272 5.84 -24.24 -2.53
N GLY B 273 5.84 -25.00 -3.63
CA GLY B 273 5.33 -24.49 -4.88
C GLY B 273 3.82 -24.31 -4.92
N LEU B 274 3.06 -25.16 -4.21
CA LEU B 274 1.63 -24.90 -4.29
C LEU B 274 0.94 -24.61 -2.97
N ILE B 275 1.71 -24.40 -1.90
CA ILE B 275 1.21 -23.50 -0.87
C ILE B 275 1.44 -22.09 -1.43
N ALA B 276 2.47 -21.94 -2.27
CA ALA B 276 2.61 -20.70 -3.02
C ALA B 276 1.42 -20.55 -3.96
N ALA B 277 1.00 -21.64 -4.62
CA ALA B 277 -0.20 -21.59 -5.47
C ALA B 277 -1.46 -21.27 -4.68
N LEU B 278 -1.60 -21.89 -3.51
CA LEU B 278 -2.73 -21.55 -2.62
C LEU B 278 -2.79 -20.05 -2.34
N ILE B 279 -1.67 -19.52 -1.87
CA ILE B 279 -1.58 -18.10 -1.58
C ILE B 279 -1.97 -17.32 -2.83
N LEU B 280 -1.48 -17.77 -3.99
CA LEU B 280 -1.75 -17.08 -5.26
C LEU B 280 -3.22 -16.96 -5.63
N THR B 281 -3.97 -18.03 -5.40
CA THR B 281 -5.38 -17.92 -5.73
C THR B 281 -6.18 -17.26 -4.61
N VAL B 282 -5.69 -17.23 -3.37
CA VAL B 282 -6.42 -16.47 -2.36
C VAL B 282 -6.25 -14.99 -2.74
N GLN B 283 -5.09 -14.68 -3.30
CA GLN B 283 -4.83 -13.32 -3.72
C GLN B 283 -5.60 -13.03 -5.02
N THR B 284 -5.84 -14.07 -5.83
CA THR B 284 -6.77 -13.96 -6.97
C THR B 284 -8.19 -13.58 -6.54
N VAL B 285 -8.68 -14.27 -5.51
CA VAL B 285 -9.99 -14.01 -4.93
C VAL B 285 -10.10 -12.58 -4.43
N PHE B 286 -9.09 -12.13 -3.71
CA PHE B 286 -9.10 -10.74 -3.24
C PHE B 286 -9.24 -9.78 -4.40
N PHE B 287 -8.36 -9.99 -5.39
CA PHE B 287 -8.38 -9.10 -6.53
C PHE B 287 -9.78 -9.00 -7.19
N PHE B 288 -10.40 -10.16 -7.37
CA PHE B 288 -11.72 -10.18 -7.96
C PHE B 288 -12.80 -9.51 -7.09
N ILE B 289 -12.65 -9.54 -5.77
CA ILE B 289 -13.61 -8.84 -4.92
C ILE B 289 -13.57 -7.35 -5.24
N PHE B 290 -12.35 -6.79 -5.29
CA PHE B 290 -12.23 -5.38 -5.71
C PHE B 290 -12.87 -5.10 -7.11
N TYR B 291 -12.55 -6.03 -8.01
CA TYR B 291 -12.98 -5.88 -9.37
C TYR B 291 -14.54 -5.88 -9.41
N GLN B 292 -15.14 -6.78 -8.65
CA GLN B 292 -16.59 -6.89 -8.55
C GLN B 292 -17.13 -5.57 -8.01
N GLN B 293 -16.35 -4.91 -7.15
CA GLN B 293 -16.80 -3.62 -6.62
C GLN B 293 -17.17 -2.64 -7.69
N MET B 294 -16.58 -2.72 -8.88
CA MET B 294 -17.09 -1.64 -9.76
C MET B 294 -18.45 -1.84 -10.48
N SER B 295 -18.98 -3.07 -10.58
CA SER B 295 -20.35 -3.32 -11.14
C SER B 295 -21.42 -2.87 -10.18
N THR B 296 -21.02 -2.90 -8.92
CA THR B 296 -21.95 -2.89 -7.82
C THR B 296 -21.78 -1.60 -7.00
N SER B 297 -21.02 -1.69 -5.92
CA SER B 297 -20.89 -0.61 -4.97
C SER B 297 -20.42 0.72 -5.58
N LEU B 298 -19.41 0.71 -6.44
CA LEU B 298 -18.98 1.96 -7.11
C LEU B 298 -20.02 2.46 -8.12
N ALA B 299 -20.82 1.53 -8.64
CA ALA B 299 -21.89 1.89 -9.55
C ALA B 299 -22.99 2.65 -8.81
N LEU B 300 -23.45 2.08 -7.70
CA LEU B 300 -24.50 2.73 -6.90
C LEU B 300 -24.01 4.06 -6.30
N PHE B 301 -22.75 4.10 -5.83
CA PHE B 301 -22.13 5.33 -5.35
C PHE B 301 -22.11 6.33 -6.48
N ALA B 302 -21.89 5.86 -7.71
CA ALA B 302 -21.88 6.79 -8.84
C ALA B 302 -23.27 7.37 -9.05
N LEU B 303 -24.27 6.50 -8.99
CA LEU B 303 -25.66 6.89 -9.17
C LEU B 303 -26.14 7.82 -8.09
N ARG B 304 -25.53 7.72 -6.92
CA ARG B 304 -26.09 8.37 -5.76
C ARG B 304 -25.30 9.57 -5.27
N ASN B 305 -24.03 9.64 -5.64
CA ASN B 305 -23.12 10.58 -4.99
C ASN B 305 -22.07 11.17 -5.90
N VAL B 306 -22.41 11.46 -7.14
CA VAL B 306 -21.40 12.00 -8.04
C VAL B 306 -22.05 13.03 -8.93
N ASP B 307 -21.50 14.23 -8.93
CA ASP B 307 -22.03 15.24 -9.81
C ASP B 307 -21.81 14.79 -11.25
N TRP B 308 -22.87 14.32 -11.89
CA TRP B 308 -22.80 13.86 -13.28
C TRP B 308 -22.45 14.94 -14.27
N ASP B 309 -22.18 16.15 -13.77
CA ASP B 309 -21.81 17.22 -14.66
C ASP B 309 -20.28 17.22 -14.60
N PHE B 310 -19.69 16.93 -15.75
CA PHE B 310 -18.27 16.72 -15.92
C PHE B 310 -17.63 17.98 -16.47
N GLN B 311 -16.92 18.74 -15.64
CA GLN B 311 -16.35 19.98 -16.15
C GLN B 311 -14.82 20.00 -16.13
N VAL B 312 -14.25 20.44 -17.26
CA VAL B 312 -12.80 20.51 -17.44
C VAL B 312 -12.33 21.90 -17.02
N PHE B 313 -12.28 22.10 -15.69
CA PHE B 313 -12.08 23.39 -15.01
C PHE B 313 -11.55 24.56 -15.87
N GLY B 314 -12.46 25.43 -16.31
CA GLY B 314 -13.86 25.39 -15.88
C GLY B 314 -14.89 25.49 -17.01
N THR B 315 -14.82 24.54 -17.94
CA THR B 315 -15.80 24.40 -19.04
C THR B 315 -17.05 23.59 -18.58
N HIS B 316 -17.87 23.05 -19.48
CA HIS B 316 -19.09 22.40 -19.04
C HIS B 316 -19.10 20.93 -19.37
N LEU B 317 -19.14 20.67 -20.68
CA LEU B 317 -19.63 19.45 -21.27
C LEU B 317 -18.65 18.30 -21.11
N TRP B 318 -19.17 17.09 -20.87
CA TRP B 318 -20.62 16.90 -20.88
C TRP B 318 -21.28 16.60 -19.53
N THR B 319 -22.29 15.73 -19.55
CA THR B 319 -23.04 15.36 -18.37
C THR B 319 -23.21 13.85 -18.30
N TRP B 320 -22.61 13.23 -17.30
CA TRP B 320 -22.59 11.77 -17.26
C TRP B 320 -23.99 11.17 -17.14
N SER B 321 -24.11 9.96 -17.63
CA SER B 321 -25.14 9.05 -17.15
C SER B 321 -24.33 8.09 -16.30
N PRO B 322 -24.72 7.94 -15.04
CA PRO B 322 -23.94 7.16 -14.07
C PRO B 322 -23.37 5.84 -14.63
N ALA B 323 -24.18 5.10 -15.38
CA ALA B 323 -23.74 3.83 -15.98
C ALA B 323 -22.47 3.97 -16.81
N GLN B 324 -22.41 5.07 -17.57
CA GLN B 324 -21.32 5.36 -18.48
C GLN B 324 -19.96 5.39 -17.82
N PHE B 325 -19.95 5.57 -16.50
CA PHE B 325 -18.65 5.60 -15.82
C PHE B 325 -17.87 4.33 -16.10
N GLN B 326 -18.55 3.19 -16.22
CA GLN B 326 -17.82 1.92 -16.37
C GLN B 326 -17.08 1.88 -17.70
N ALA B 327 -17.51 2.70 -18.66
CA ALA B 327 -16.82 2.75 -19.93
C ALA B 327 -15.39 3.29 -19.75
N LEU B 328 -15.18 4.05 -18.67
CA LEU B 328 -13.86 4.54 -18.34
C LEU B 328 -12.90 3.40 -18.10
N ASN B 329 -13.42 2.22 -17.80
CA ASN B 329 -12.53 1.12 -17.55
C ASN B 329 -11.79 0.65 -18.81
N PRO B 330 -12.52 0.25 -19.87
CA PRO B 330 -11.76 -0.17 -21.05
C PRO B 330 -11.04 1.03 -21.67
N ILE B 331 -11.70 2.19 -21.64
CA ILE B 331 -11.07 3.43 -22.09
C ILE B 331 -9.69 3.59 -21.44
N TRP B 332 -9.64 3.62 -20.11
CA TRP B 332 -8.33 3.75 -19.49
C TRP B 332 -7.43 2.60 -19.91
N ILE B 333 -7.99 1.41 -20.10
CA ILE B 333 -7.13 0.28 -20.49
C ILE B 333 -6.48 0.57 -21.84
N MET B 334 -7.26 1.03 -22.80
CA MET B 334 -6.70 1.30 -24.10
C MET B 334 -5.70 2.42 -23.92
N VAL B 335 -6.06 3.40 -23.10
CA VAL B 335 -5.22 4.57 -22.92
C VAL B 335 -3.89 4.19 -22.26
N LEU B 336 -3.93 3.27 -21.32
CA LEU B 336 -2.68 2.96 -20.61
C LEU B 336 -1.99 1.76 -21.28
N SER B 337 -2.62 1.21 -22.32
CA SER B 337 -2.03 0.07 -23.00
C SER B 337 -0.79 0.40 -23.81
N PRO B 338 -0.75 1.57 -24.48
CA PRO B 338 0.55 1.86 -25.10
C PRO B 338 1.63 2.24 -24.09
N VAL B 339 1.23 2.92 -23.02
CA VAL B 339 2.18 3.41 -22.02
C VAL B 339 2.95 2.26 -21.36
N LEU B 340 2.24 1.17 -21.05
CA LEU B 340 2.88 0.01 -20.43
C LEU B 340 3.66 -0.85 -21.42
N ALA B 341 3.47 -0.60 -22.72
CA ALA B 341 4.22 -1.31 -23.74
C ALA B 341 5.72 -0.96 -23.66
N TRP B 342 6.01 0.16 -23.03
CA TRP B 342 7.34 0.78 -23.05
C TRP B 342 8.23 0.32 -21.88
N ILE B 356 8.86 -11.02 -10.47
CA ILE B 356 8.04 -10.38 -11.50
C ILE B 356 6.56 -10.77 -11.29
N ALA B 357 6.31 -11.47 -10.19
CA ALA B 357 4.96 -11.54 -9.62
C ALA B 357 4.93 -10.50 -8.50
N ALA B 358 5.91 -9.60 -8.58
CA ALA B 358 5.92 -8.38 -7.81
C ALA B 358 4.98 -7.37 -8.46
N LYS B 359 4.52 -7.65 -9.69
CA LYS B 359 3.52 -6.74 -10.24
C LYS B 359 2.16 -7.06 -9.68
N PHE B 360 1.99 -8.16 -8.94
CA PHE B 360 0.73 -8.30 -8.19
C PHE B 360 0.69 -7.26 -7.13
N ALA B 361 1.83 -7.17 -6.44
CA ALA B 361 1.98 -6.21 -5.37
C ALA B 361 1.60 -4.84 -5.89
N LEU B 362 2.24 -4.43 -6.99
CA LEU B 362 1.93 -3.16 -7.61
C LEU B 362 0.45 -3.04 -7.97
N GLY B 363 -0.11 -4.11 -8.52
CA GLY B 363 -1.51 -4.10 -8.91
C GLY B 363 -2.38 -3.68 -7.75
N PHE B 364 -2.30 -4.47 -6.69
CA PHE B 364 -2.96 -4.22 -5.42
C PHE B 364 -2.73 -2.85 -4.78
N ALA B 365 -1.49 -2.36 -4.84
CA ALA B 365 -1.17 -1.04 -4.30
C ALA B 365 -1.89 0.05 -5.07
N VAL B 366 -1.87 -0.06 -6.39
CA VAL B 366 -2.48 0.96 -7.22
C VAL B 366 -4.01 0.90 -7.00
N VAL B 367 -4.57 -0.29 -6.96
CA VAL B 367 -5.98 -0.45 -6.57
C VAL B 367 -6.30 0.26 -5.25
N ALA B 368 -5.50 -0.04 -4.22
CA ALA B 368 -5.63 0.59 -2.91
C ALA B 368 -5.80 2.08 -3.10
N ILE B 369 -4.87 2.67 -3.84
CA ILE B 369 -4.96 4.10 -4.11
C ILE B 369 -6.23 4.53 -4.89
N GLY B 370 -6.77 3.71 -5.80
CA GLY B 370 -8.04 4.08 -6.42
C GLY B 370 -9.11 4.24 -5.35
N PHE B 371 -9.26 3.18 -4.56
CA PHE B 371 -10.21 3.16 -3.44
C PHE B 371 -10.05 4.33 -2.47
N PHE B 372 -8.81 4.77 -2.27
CA PHE B 372 -8.55 5.91 -1.39
C PHE B 372 -8.93 7.20 -2.05
N ILE B 373 -8.90 7.22 -3.39
CA ILE B 373 -9.38 8.38 -4.15
C ILE B 373 -10.89 8.57 -3.93
N TYR B 374 -11.66 7.48 -4.09
CA TYR B 374 -13.10 7.54 -3.77
C TYR B 374 -13.27 7.80 -2.27
N GLY B 375 -12.31 7.33 -1.49
CA GLY B 375 -12.35 7.47 -0.05
C GLY B 375 -12.30 8.94 0.29
N PHE B 376 -11.55 9.70 -0.47
CA PHE B 376 -11.54 11.12 -0.21
C PHE B 376 -12.20 11.82 -1.38
N ALA B 377 -13.24 11.18 -1.92
CA ALA B 377 -14.23 11.89 -2.72
C ALA B 377 -15.05 12.80 -1.83
N GLY B 378 -15.04 12.50 -0.53
CA GLY B 378 -15.75 13.26 0.47
C GLY B 378 -15.06 14.54 0.90
N GLN B 379 -13.87 14.42 1.49
CA GLN B 379 -13.22 15.57 2.09
C GLN B 379 -12.82 16.65 1.04
N PHE B 380 -13.06 16.39 -0.25
CA PHE B 380 -12.92 17.44 -1.26
C PHE B 380 -14.02 17.35 -2.32
N ALA B 381 -14.45 18.52 -2.80
CA ALA B 381 -15.43 18.66 -3.87
C ALA B 381 -16.71 17.90 -3.52
N VAL B 382 -17.42 18.43 -2.53
CA VAL B 382 -18.63 17.80 -2.01
C VAL B 382 -19.71 18.82 -1.62
N ASN B 383 -20.93 18.53 -2.07
CA ASN B 383 -22.12 19.35 -1.82
C ASN B 383 -23.25 18.38 -1.46
N GLY B 384 -22.84 17.23 -0.94
CA GLY B 384 -23.63 16.01 -0.94
C GLY B 384 -23.26 15.17 -2.17
N LYS B 385 -24.07 15.34 -3.21
CA LYS B 385 -23.84 14.74 -4.54
C LYS B 385 -22.69 15.40 -5.31
N THR B 386 -21.43 15.09 -5.01
CA THR B 386 -20.36 15.73 -5.78
C THR B 386 -19.09 14.89 -5.83
N SER B 387 -18.46 14.89 -7.01
CA SER B 387 -17.15 14.33 -7.20
C SER B 387 -16.74 14.54 -8.66
N SER B 388 -17.34 13.70 -9.50
CA SER B 388 -17.13 13.58 -10.95
C SER B 388 -15.72 13.00 -11.29
N TRP B 389 -14.68 13.79 -11.11
CA TRP B 389 -13.34 13.36 -11.48
C TRP B 389 -12.89 12.25 -10.56
N VAL B 390 -13.62 12.06 -9.46
CA VAL B 390 -13.27 10.98 -8.56
C VAL B 390 -13.44 9.66 -9.31
N MET B 391 -14.49 9.57 -10.14
CA MET B 391 -14.70 8.40 -11.00
C MET B 391 -13.57 8.19 -12.03
N ILE B 392 -13.12 9.28 -12.64
CA ILE B 392 -12.11 9.18 -13.70
C ILE B 392 -10.81 8.67 -13.12
N TRP B 393 -10.29 9.34 -12.11
CA TRP B 393 -9.01 8.95 -11.56
C TRP B 393 -9.10 7.61 -10.82
N GLY B 394 -10.23 7.40 -10.14
CA GLY B 394 -10.47 6.12 -9.52
C GLY B 394 -10.34 5.01 -10.56
N TYR B 395 -11.07 5.12 -11.66
CA TYR B 395 -11.02 4.09 -12.71
C TYR B 395 -9.62 3.97 -13.35
N ALA B 396 -8.91 5.09 -13.47
CA ALA B 396 -7.56 5.01 -13.98
C ALA B 396 -6.74 4.09 -13.10
N SER B 397 -6.66 4.43 -11.80
CA SER B 397 -5.83 3.69 -10.86
C SER B 397 -6.24 2.21 -10.78
N TYR B 398 -7.53 2.00 -10.61
CA TYR B 398 -8.07 0.68 -10.51
C TYR B 398 -7.74 -0.16 -11.77
N SER B 399 -8.08 0.35 -12.95
CA SER B 399 -7.94 -0.42 -14.20
C SER B 399 -6.49 -0.58 -14.62
N LEU B 400 -5.64 0.36 -14.21
CA LEU B 400 -4.20 0.22 -14.33
C LEU B 400 -3.78 -1.01 -13.57
N GLY B 401 -4.31 -1.14 -12.34
CA GLY B 401 -4.07 -2.32 -11.52
C GLY B 401 -4.43 -3.61 -12.26
N GLU B 402 -5.63 -3.59 -12.84
CA GLU B 402 -6.06 -4.68 -13.71
C GLU B 402 -5.04 -4.98 -14.84
N LEU B 403 -4.52 -3.91 -15.44
CA LEU B 403 -3.56 -4.00 -16.54
C LEU B 403 -2.27 -4.66 -16.12
N LEU B 404 -1.77 -4.34 -14.92
CA LEU B 404 -0.52 -4.92 -14.45
C LEU B 404 -0.81 -6.33 -13.90
N VAL B 405 -2.07 -6.77 -13.82
CA VAL B 405 -2.24 -8.23 -13.62
C VAL B 405 -3.00 -9.00 -14.72
N SER B 406 -2.50 -8.99 -15.95
CA SER B 406 -3.04 -9.87 -16.98
C SER B 406 -2.29 -11.23 -17.00
N GLY B 407 -1.52 -11.50 -15.94
CA GLY B 407 -0.84 -12.78 -15.76
C GLY B 407 -1.42 -13.73 -14.72
N LEU B 408 -2.73 -13.91 -14.70
CA LEU B 408 -3.34 -14.75 -13.68
C LEU B 408 -3.92 -16.06 -14.25
N GLY B 409 -3.44 -16.44 -15.44
CA GLY B 409 -3.55 -17.79 -15.97
C GLY B 409 -3.11 -18.83 -14.96
N LEU B 410 -3.61 -20.06 -15.09
CA LEU B 410 -3.33 -21.07 -14.07
C LEU B 410 -2.02 -21.77 -14.26
N ALA B 411 -1.48 -21.66 -15.45
CA ALA B 411 -0.15 -22.14 -15.74
C ALA B 411 0.84 -21.35 -14.91
N MET B 412 0.38 -20.22 -14.37
CA MET B 412 1.21 -19.37 -13.52
C MET B 412 1.11 -19.72 -12.03
N ILE B 413 0.19 -20.61 -11.64
CA ILE B 413 0.25 -21.18 -10.30
C ILE B 413 0.66 -22.65 -10.44
N ALA B 414 1.00 -23.04 -11.66
CA ALA B 414 1.58 -24.35 -11.94
C ALA B 414 2.91 -24.47 -11.23
N ARG B 415 3.74 -23.44 -11.39
CA ARG B 415 5.04 -23.45 -10.75
C ARG B 415 4.88 -23.19 -9.25
N MET B 425 -6.77 -28.51 -13.55
CA MET B 425 -6.74 -27.46 -12.53
C MET B 425 -7.52 -26.22 -12.94
N MET B 426 -8.01 -26.22 -14.18
CA MET B 426 -9.03 -25.28 -14.65
C MET B 426 -10.11 -25.11 -13.57
N GLY B 427 -10.58 -26.24 -13.06
CA GLY B 427 -11.65 -26.26 -12.08
C GLY B 427 -11.40 -25.43 -10.83
N ALA B 428 -10.52 -25.92 -9.95
CA ALA B 428 -10.40 -25.36 -8.60
C ALA B 428 -10.32 -23.85 -8.62
N TYR B 429 -9.45 -23.32 -9.47
CA TYR B 429 -9.26 -21.88 -9.61
C TYR B 429 -10.45 -21.19 -10.29
N PHE B 430 -11.04 -21.78 -11.33
CA PHE B 430 -12.20 -21.11 -11.95
C PHE B 430 -13.39 -20.97 -10.99
N VAL B 431 -13.63 -22.00 -10.21
CA VAL B 431 -14.67 -21.93 -9.22
C VAL B 431 -14.28 -20.97 -8.10
N ALA B 432 -13.00 -21.00 -7.71
CA ALA B 432 -12.52 -20.04 -6.72
C ALA B 432 -12.89 -18.66 -7.19
N SER B 433 -12.57 -18.37 -8.44
CA SER B 433 -12.78 -17.05 -9.01
C SER B 433 -14.28 -16.69 -9.14
N GLY B 434 -15.12 -17.62 -9.55
CA GLY B 434 -16.55 -17.34 -9.54
C GLY B 434 -17.02 -16.99 -8.13
N ILE B 435 -16.62 -17.84 -7.20
CA ILE B 435 -16.97 -17.66 -5.80
C ILE B 435 -16.55 -16.24 -5.38
N SER B 436 -15.42 -15.77 -5.89
CA SER B 436 -14.99 -14.43 -5.53
C SER B 436 -15.82 -13.34 -6.20
N GLN B 437 -16.40 -13.60 -7.38
CA GLN B 437 -17.36 -12.61 -7.91
C GLN B 437 -18.49 -12.43 -6.90
N TYR B 438 -19.17 -13.54 -6.58
CA TYR B 438 -20.26 -13.45 -5.57
C TYR B 438 -19.81 -12.73 -4.27
N LEU B 439 -18.70 -13.19 -3.69
CA LEU B 439 -18.18 -12.56 -2.49
C LEU B 439 -18.09 -11.05 -2.70
N GLY B 440 -17.52 -10.65 -3.84
CA GLY B 440 -17.38 -9.23 -4.18
C GLY B 440 -18.72 -8.51 -4.09
N GLY B 441 -19.78 -9.19 -4.52
CA GLY B 441 -21.11 -8.67 -4.31
C GLY B 441 -21.51 -8.46 -2.85
N VAL B 442 -21.15 -9.40 -1.98
CA VAL B 442 -21.49 -9.21 -0.56
C VAL B 442 -20.67 -8.05 0.06
N VAL B 443 -19.45 -7.82 -0.42
CA VAL B 443 -18.68 -6.68 0.09
C VAL B 443 -19.34 -5.35 -0.35
N ALA B 444 -19.83 -5.38 -1.59
CA ALA B 444 -20.57 -4.24 -2.09
C ALA B 444 -21.77 -4.07 -1.15
N ASN B 445 -22.29 -5.18 -0.63
CA ASN B 445 -23.33 -5.07 0.37
C ASN B 445 -22.87 -4.49 1.70
N PHE B 446 -21.59 -4.62 2.01
CA PHE B 446 -21.13 -3.90 3.18
C PHE B 446 -21.32 -2.43 2.95
N ALA B 447 -21.60 -1.99 1.72
CA ALA B 447 -22.07 -0.57 1.66
C ALA B 447 -23.46 -0.31 1.00
N SER B 448 -24.43 -1.15 1.31
CA SER B 448 -25.78 -1.05 0.76
C SER B 448 -26.58 0.03 1.48
N VAL B 449 -27.33 0.84 0.73
CA VAL B 449 -28.18 1.92 1.28
C VAL B 449 -29.71 1.69 1.28
N PRO B 450 -30.37 1.88 2.44
CA PRO B 450 -31.84 1.75 2.54
C PRO B 450 -32.58 2.54 1.46
N GLN B 451 -33.67 2.00 0.96
CA GLN B 451 -34.44 2.71 -0.07
C GLN B 451 -35.15 3.96 0.48
N ASP B 452 -35.36 4.04 1.80
CA ASP B 452 -36.01 5.21 2.43
C ASP B 452 -34.99 6.30 2.81
N LEU B 453 -33.74 6.04 2.42
CA LEU B 453 -32.63 6.95 2.66
C LEU B 453 -32.14 7.53 1.32
N VAL B 454 -32.58 8.75 0.99
CA VAL B 454 -32.27 9.36 -0.29
C VAL B 454 -31.45 10.64 -0.13
N ASP B 455 -30.98 10.89 1.09
CA ASP B 455 -30.19 12.11 1.35
C ASP B 455 -28.70 11.83 1.09
N PRO B 456 -28.17 12.28 -0.07
CA PRO B 456 -26.82 11.89 -0.52
C PRO B 456 -25.76 12.28 0.49
N LEU B 457 -26.14 13.27 1.29
CA LEU B 457 -25.36 13.78 2.38
C LEU B 457 -25.09 12.71 3.42
N GLN B 458 -25.95 11.70 3.45
CA GLN B 458 -25.78 10.67 4.45
C GLN B 458 -25.30 9.39 3.81
N THR B 459 -25.54 9.25 2.51
CA THR B 459 -25.08 8.07 1.77
C THR B 459 -23.61 8.15 1.41
N LEU B 460 -23.10 9.36 1.21
CA LEU B 460 -21.69 9.55 0.94
C LEU B 460 -20.77 8.86 1.96
N PRO B 461 -21.02 9.06 3.28
CA PRO B 461 -20.16 8.42 4.29
C PRO B 461 -20.16 6.93 4.12
N VAL B 462 -21.33 6.33 3.88
CA VAL B 462 -21.40 4.88 3.83
C VAL B 462 -20.46 4.37 2.72
N TYR B 463 -20.49 5.02 1.56
CA TYR B 463 -19.69 4.59 0.42
C TYR B 463 -18.21 4.86 0.70
N THR B 464 -17.87 6.03 1.21
CA THR B 464 -16.44 6.28 1.45
C THR B 464 -15.88 5.43 2.60
N ASN B 465 -16.75 4.94 3.47
CA ASN B 465 -16.24 4.06 4.51
C ASN B 465 -15.88 2.72 3.90
N LEU B 466 -16.78 2.20 3.07
CA LEU B 466 -16.41 1.01 2.35
C LEU B 466 -15.12 1.23 1.58
N PHE B 467 -15.09 2.26 0.75
CA PHE B 467 -13.95 2.48 -0.15
C PHE B 467 -12.65 2.61 0.63
N ASN B 468 -12.70 3.26 1.78
CA ASN B 468 -11.47 3.35 2.56
C ASN B 468 -11.03 2.00 3.11
N LYS B 469 -11.99 1.18 3.56
CA LYS B 469 -11.49 -0.04 4.14
C LYS B 469 -11.12 -1.04 3.04
N LEU B 470 -11.64 -0.87 1.83
CA LEU B 470 -11.10 -1.65 0.71
C LEU B 470 -9.69 -1.16 0.40
N GLY B 471 -9.46 0.13 0.28
CA GLY B 471 -8.11 0.59 0.03
C GLY B 471 -7.08 0.05 1.04
N VAL B 472 -7.48 0.00 2.31
CA VAL B 472 -6.58 -0.58 3.31
C VAL B 472 -6.41 -2.06 3.00
N ALA B 473 -7.52 -2.76 2.76
CA ALA B 473 -7.47 -4.17 2.31
C ALA B 473 -6.52 -4.42 1.12
N ALA B 474 -6.60 -3.58 0.09
CA ALA B 474 -5.68 -3.67 -1.03
C ALA B 474 -4.24 -3.43 -0.59
N VAL B 475 -4.01 -2.63 0.45
CA VAL B 475 -2.60 -2.54 0.90
C VAL B 475 -2.19 -3.75 1.74
N VAL B 476 -3.17 -4.33 2.46
CA VAL B 476 -2.90 -5.56 3.18
C VAL B 476 -2.42 -6.55 2.14
N CYS B 477 -3.20 -6.65 1.07
CA CYS B 477 -2.90 -7.53 -0.01
C CYS B 477 -1.55 -7.26 -0.73
N THR B 478 -1.16 -6.00 -0.88
CA THR B 478 0.17 -5.70 -1.43
C THR B 478 1.28 -6.24 -0.53
N ILE B 479 1.02 -6.19 0.78
CA ILE B 479 2.01 -6.68 1.73
C ILE B 479 2.14 -8.18 1.54
N ILE B 480 0.98 -8.84 1.46
CA ILE B 480 0.91 -10.28 1.24
C ILE B 480 1.68 -10.71 -0.01
N ALA B 481 1.45 -10.00 -1.12
CA ALA B 481 2.11 -10.37 -2.36
C ALA B 481 3.65 -10.33 -2.24
N LEU B 482 4.15 -9.17 -1.81
CA LEU B 482 5.58 -8.98 -1.73
C LEU B 482 6.20 -9.98 -0.75
N ALA B 483 5.45 -10.34 0.29
CA ALA B 483 5.93 -11.26 1.32
C ALA B 483 5.94 -12.71 0.86
N VAL B 484 5.09 -13.03 -0.12
CA VAL B 484 5.06 -14.38 -0.67
C VAL B 484 6.03 -14.54 -1.86
N LEU B 485 6.83 -13.52 -2.16
CA LEU B 485 7.81 -13.72 -3.26
C LEU B 485 9.09 -14.58 -2.97
N PRO B 486 9.50 -14.73 -1.68
CA PRO B 486 10.55 -15.71 -1.39
C PRO B 486 10.19 -17.17 -1.69
N LEU B 487 8.92 -17.56 -1.55
CA LEU B 487 8.51 -18.91 -1.93
C LEU B 487 8.62 -19.10 -3.45
N MET B 488 8.47 -17.98 -4.17
CA MET B 488 8.51 -17.98 -5.61
C MET B 488 9.90 -18.14 -6.17
N ARG B 489 10.93 -17.70 -5.47
CA ARG B 489 12.24 -18.13 -5.98
C ARG B 489 12.92 -19.18 -5.07
N ARG B 490 12.18 -19.72 -4.10
CA ARG B 490 12.63 -20.99 -3.50
C ARG B 490 12.18 -22.15 -4.38
N LEU B 491 11.07 -21.99 -5.11
CA LEU B 491 10.73 -23.05 -6.07
C LEU B 491 11.72 -23.13 -7.25
N THR B 492 12.14 -22.00 -7.78
CA THR B 492 13.10 -21.98 -8.90
C THR B 492 14.54 -22.16 -8.42
ZN ZN C . -7.92 6.10 5.24
C1B LMT D . 3.84 2.24 38.15
C2B LMT D . 2.89 1.12 38.59
C3B LMT D . 1.47 1.47 38.32
C4B LMT D . 1.09 2.79 38.93
C5B LMT D . 2.07 3.91 38.57
C6B LMT D . 1.73 5.14 39.35
O1B LMT D . 3.83 2.38 36.75
O2B LMT D . 3.22 -0.13 37.95
O3B LMT D . 0.62 0.39 38.79
O4' LMT D . -0.17 3.20 38.40
O5B LMT D . 3.50 3.54 38.77
O6B LMT D . 1.76 4.90 40.76
C1' LMT D . 7.07 1.45 34.08
C2' LMT D . 6.75 0.53 35.28
C3' LMT D . 5.75 0.99 36.32
C4' LMT D . 5.22 2.39 36.24
C5' LMT D . 5.22 3.01 34.84
C6' LMT D . 4.75 4.44 34.95
O1' LMT D . 8.48 1.44 33.79
O2' LMT D . 6.30 -0.77 34.85
O3' LMT D . 6.44 0.87 37.61
O5' LMT D . 6.55 2.86 34.16
O6' LMT D . 5.66 5.33 35.58
C1 LMT D . 9.48 1.25 34.84
C2 LMT D . 10.63 0.26 34.44
C3 LMT D . 12.09 0.81 34.62
C4 LMT D . 13.16 0.04 33.78
C5 LMT D . 12.51 -1.17 33.01
C6 LMT D . 13.38 -2.45 33.04
C7 LMT D . 14.30 -2.56 31.75
C8 LMT D . 13.80 -3.67 30.77
C9 LMT D . 14.75 -3.68 29.49
C10 LMT D . 16.21 -3.58 29.99
C11 LMT D . 17.03 -4.89 29.66
C12 LMT D . 18.35 -4.88 30.44
N ALA E . 17.23 0.83 16.13
CA ALA E . 17.12 2.07 16.83
C ALA E . 18.10 3.06 16.24
O ALA E . 17.79 4.24 16.19
CB ALA E . 17.34 1.84 18.28
N DBY F . 19.37 2.62 15.68
CA DBY F . 20.36 3.49 15.09
C DBY F . 20.95 4.43 16.09
O DBY F . 21.20 5.63 15.76
CB DBY F . 19.85 4.32 13.94
CG DBY F . 19.32 3.58 12.76
CD1 DBY F . 20.05 2.57 12.16
CE1 DBY F . 19.56 1.90 11.05
CD2 DBY F . 18.08 3.95 12.25
CE2 DBY F . 17.58 3.29 11.14
CZ DBY F . 18.31 2.26 10.54
OH DBY F . 17.81 1.59 9.43
BR1 DBY F . 20.59 0.47 10.22
BR2 DBY F . 15.84 3.82 10.46
OXT DBY F . 21.19 4.05 17.25
C1B LMT G . -26.91 14.86 -22.78
C2B LMT G . -26.30 16.26 -22.96
C3B LMT G . -26.61 17.20 -21.87
C4B LMT G . -28.10 17.26 -21.63
C5B LMT G . -28.59 15.87 -21.20
C6B LMT G . -30.06 15.83 -20.88
O1B LMT G . -26.05 14.04 -22.03
O2B LMT G . -24.86 16.18 -23.06
O3B LMT G . -26.08 18.50 -22.22
O4' LMT G . -28.38 18.25 -20.61
O5B LMT G . -28.29 14.81 -22.18
O6B LMT G . -30.81 16.62 -21.80
C1' LMT G . -23.90 10.54 -23.33
C2' LMT G . -23.73 11.85 -24.11
C3' LMT G . -24.50 13.08 -23.68
C4' LMT G . -25.68 12.83 -22.80
C5' LMT G . -25.37 11.78 -21.76
C6' LMT G . -26.53 11.75 -20.78
O1' LMT G . -23.93 9.44 -24.21
O2' LMT G . -22.32 12.19 -24.10
O3' LMT G . -24.92 13.77 -24.90
O5' LMT G . -25.07 10.49 -22.41
O6' LMT G . -27.29 10.55 -20.86
C1 LMT G . -23.53 9.65 -25.59
C2 LMT G . -22.37 8.76 -26.08
C3 LMT G . -22.96 7.53 -26.81
C4 LMT G . -22.15 7.07 -28.05
C5 LMT G . -20.61 7.19 -27.81
C6 LMT G . -19.84 7.10 -29.14
C7 LMT G . -18.80 5.93 -28.99
C8 LMT G . -17.48 6.28 -29.71
C9 LMT G . -17.69 6.26 -31.30
C10 LMT G . -18.23 4.89 -31.78
C11 LMT G . -18.02 4.74 -33.32
C12 LMT G . -19.33 5.05 -34.07
C1B LMT H . -45.33 -15.76 -10.72
C2B LMT H . -44.66 -14.56 -10.01
C3B LMT H . -44.49 -14.77 -8.54
C4B LMT H . -45.83 -15.16 -7.95
C5B LMT H . -46.23 -16.54 -8.50
C6B LMT H . -47.49 -17.06 -7.88
O1B LMT H . -44.38 -16.71 -11.13
O2B LMT H . -43.42 -14.13 -10.65
O3B LMT H . -43.89 -13.56 -7.97
O4' LMT H . -45.91 -15.13 -6.49
O5B LMT H . -46.44 -16.43 -9.95
O6B LMT H . -47.34 -17.63 -6.56
C1' LMT H . -42.80 -17.09 -15.05
C2' LMT H . -44.07 -16.24 -14.95
C3' LMT H . -44.39 -15.85 -13.52
C4' LMT H . -44.44 -17.03 -12.58
C5' LMT H . -43.26 -17.99 -12.83
C6' LMT H . -43.37 -19.22 -11.96
O1' LMT H . -42.47 -17.42 -16.38
O2' LMT H . -44.00 -15.06 -15.78
O3' LMT H . -45.62 -15.05 -13.53
O5' LMT H . -43.04 -18.32 -14.26
O6' LMT H . -42.12 -19.56 -11.39
C1 LMT H . -41.20 -17.00 -16.94
C2 LMT H . -41.30 -17.11 -18.47
C3 LMT H . -39.97 -17.01 -19.22
C4 LMT H . -39.56 -18.38 -19.82
C5 LMT H . -38.10 -18.39 -20.40
C6 LMT H . -37.92 -19.35 -21.60
C7 LMT H . -36.58 -19.11 -22.42
C8 LMT H . -35.61 -20.33 -22.36
C9 LMT H . -34.53 -20.39 -23.55
C10 LMT H . -33.46 -21.51 -23.37
C11 LMT H . -32.84 -21.88 -24.76
C12 LMT H . -31.80 -23.01 -24.66
#